data_5MYO
#
_entry.id   5MYO
#
_cell.length_a   53.774
_cell.length_b   65.958
_cell.length_c   67.760
_cell.angle_alpha   62.870
_cell.angle_beta   82.930
_cell.angle_gamma   84.110
#
_symmetry.space_group_name_H-M   'P 1'
#
loop_
_entity.id
_entity.type
_entity.pdbx_description
1 polymer 'Fab c#6 light chain'
2 polymer 'Fab c#6 heavy chain'
3 polymer 'Amyloid beta A4 protein'
4 non-polymer 'SULFATE ION'
5 non-polymer GLYCEROL
6 water water
#
loop_
_entity_poly.entity_id
_entity_poly.type
_entity_poly.pdbx_seq_one_letter_code
_entity_poly.pdbx_strand_id
1 'polypeptide(L)'
;DVVMTQTPLTLSVTIGQPASISCKSSQSLLYSDGKTYLNWLLQRPGQSPMRLIYLVSKLDSGVPDRFTGSGSGTDFTLKI
SRVEAEDLGVYYCVQGTHFPFTFGSGTKLEIKRADAAPTVSIFPPSSEQLTSGGASVVCFLNNFYPKDINVKWKIDGSER
QNGVLNSWTDQDSKDSTYSMSSTLTLTKDEYERHNSYTCEATHKTSTSPIVKSFNRNEC
;
A,C
2 'polypeptide(L)'
;EVQLQQSGPELVKPGASMKISCKASGYSFTGYTMNWVKQSHGKNLEWIGLINPYNGVTRYNQKFKGKATLIVDKSSSTAY
MELLSLTSEDSAVYYCTREAKREWDETYWGQGTLVTVSAAKTTPPSVYPLAPGSAAQTNSMVTLGCLVKGYFPEPVTVTW
NSGSLSSGVHTFPAVLQSDLYTLSSSVTVPSSTWPSETVTCNVAHPASSTKVDKKIVPRDCGCKPCIC
;
B,D
3 'polypeptide(L)' (PCA)FRHDSGYEV E
#
# COMPACT_ATOMS: atom_id res chain seq x y z
N ASP A 1 5.19 -7.08 17.81
CA ASP A 1 5.42 -8.20 16.90
C ASP A 1 6.91 -8.33 16.61
N VAL A 2 7.35 -9.53 16.24
CA VAL A 2 8.73 -9.75 15.87
C VAL A 2 8.94 -9.25 14.44
N VAL A 3 9.91 -8.37 14.25
CA VAL A 3 10.26 -7.87 12.93
C VAL A 3 11.40 -8.72 12.38
N MET A 4 11.21 -9.24 11.17
CA MET A 4 12.21 -10.07 10.50
C MET A 4 12.82 -9.26 9.37
N THR A 5 14.12 -9.02 9.46
CA THR A 5 14.84 -8.16 8.52
C THR A 5 15.80 -9.01 7.69
N GLN A 6 15.52 -9.13 6.40
CA GLN A 6 16.34 -9.95 5.50
C GLN A 6 17.26 -9.06 4.66
N THR A 7 18.50 -9.49 4.49
CA THR A 7 19.44 -8.84 3.59
C THR A 7 20.28 -9.90 2.87
N PRO A 8 20.66 -9.63 1.61
CA PRO A 8 20.30 -8.42 0.86
C PRO A 8 18.90 -8.51 0.23
N LEU A 9 18.46 -7.42 -0.41
CA LEU A 9 17.18 -7.42 -1.10
C LEU A 9 17.20 -8.40 -2.27
N THR A 10 18.29 -8.38 -3.05
CA THR A 10 18.51 -9.30 -4.14
C THR A 10 19.96 -9.75 -4.07
N LEU A 11 20.22 -10.95 -4.61
CA LEU A 11 21.56 -11.50 -4.68
C LEU A 11 21.73 -12.13 -6.05
N SER A 12 22.76 -11.70 -6.78
CA SER A 12 23.03 -12.22 -8.12
C SER A 12 24.30 -13.05 -8.08
N VAL A 13 24.19 -14.32 -8.47
CA VAL A 13 25.27 -15.28 -8.31
C VAL A 13 25.43 -16.09 -9.59
N THR A 14 26.67 -16.26 -10.02
CA THR A 14 26.97 -17.15 -11.14
C THR A 14 26.80 -18.61 -10.74
N ILE A 15 26.31 -19.42 -11.68
CA ILE A 15 26.21 -20.85 -11.48
C ILE A 15 27.54 -21.40 -11.00
N GLY A 16 27.49 -22.21 -9.95
CA GLY A 16 28.67 -22.82 -9.39
C GLY A 16 29.29 -22.07 -8.23
N GLN A 17 28.89 -20.80 -8.03
CA GLN A 17 29.42 -19.96 -6.96
C GLN A 17 28.53 -20.05 -5.72
N PRO A 18 29.04 -19.64 -4.56
CA PRO A 18 28.26 -19.72 -3.33
C PRO A 18 27.29 -18.56 -3.16
N ALA A 19 26.30 -18.79 -2.29
CA ALA A 19 25.29 -17.81 -1.94
C ALA A 19 25.13 -17.78 -0.44
N SER A 20 24.96 -16.58 0.11
CA SER A 20 24.71 -16.42 1.54
C SER A 20 23.68 -15.32 1.71
N ILE A 21 22.66 -15.55 2.53
CA ILE A 21 21.64 -14.55 2.79
C ILE A 21 21.34 -14.54 4.28
N SER A 22 20.96 -13.36 4.77
CA SER A 22 20.88 -13.09 6.20
C SER A 22 19.45 -12.80 6.61
N CYS A 23 19.08 -13.27 7.80
CA CYS A 23 17.78 -12.96 8.40
C CYS A 23 18.00 -12.66 9.86
N LYS A 24 17.61 -11.47 10.30
CA LYS A 24 17.77 -11.06 11.68
C LYS A 24 16.41 -10.76 12.30
N SER A 25 16.19 -11.23 13.53
CA SER A 25 14.94 -10.97 14.23
C SER A 25 15.13 -9.90 15.28
N SER A 26 14.04 -9.19 15.59
CA SER A 26 14.09 -8.15 16.60
C SER A 26 13.95 -8.68 18.01
N GLN A 27 13.67 -9.97 18.16
CA GLN A 27 13.55 -10.65 19.45
C GLN A 27 14.11 -12.04 19.31
N SER A 28 14.56 -12.61 20.42
CA SER A 28 15.06 -13.98 20.38
C SER A 28 13.97 -14.92 19.88
N LEU A 29 14.36 -15.86 19.03
CA LEU A 29 13.46 -16.91 18.57
C LEU A 29 13.62 -18.19 19.36
N LEU A 30 14.39 -18.15 20.46
CA LEU A 30 14.48 -19.30 21.35
C LEU A 30 13.18 -19.45 22.13
N TYR A 31 12.51 -20.58 21.95
CA TYR A 31 11.27 -20.89 22.64
C TYR A 31 11.58 -21.60 23.97
N SER A 32 10.54 -21.70 24.82
CA SER A 32 10.71 -22.26 26.15
C SER A 32 11.09 -23.73 26.14
N ASP A 33 10.84 -24.46 25.05
CA ASP A 33 11.23 -25.85 24.96
C ASP A 33 12.65 -26.05 24.47
N GLY A 34 13.43 -24.97 24.38
CA GLY A 34 14.80 -25.06 23.91
C GLY A 34 14.97 -25.05 22.42
N LYS A 35 13.88 -25.04 21.65
CA LYS A 35 13.93 -25.06 20.20
C LYS A 35 13.78 -23.65 19.64
N THR A 36 14.31 -23.44 18.45
CA THR A 36 14.28 -22.13 17.81
C THR A 36 13.52 -22.28 16.50
N TYR A 37 12.32 -21.70 16.44
CA TYR A 37 11.38 -21.97 15.34
C TYR A 37 11.61 -20.94 14.23
N LEU A 38 12.78 -21.06 13.61
CA LEU A 38 13.13 -20.25 12.45
C LEU A 38 13.13 -21.14 11.21
N ASN A 39 12.39 -20.71 10.19
CA ASN A 39 12.16 -21.47 8.97
C ASN A 39 12.62 -20.67 7.76
N TRP A 40 13.04 -21.38 6.72
CA TRP A 40 13.36 -20.77 5.43
C TRP A 40 12.44 -21.34 4.36
N LEU A 41 11.80 -20.44 3.62
CA LEU A 41 10.94 -20.79 2.49
C LEU A 41 11.57 -20.33 1.19
N LEU A 42 11.25 -21.03 0.12
CA LEU A 42 11.59 -20.62 -1.25
C LEU A 42 10.30 -20.53 -2.05
N GLN A 43 10.07 -19.40 -2.71
CA GLN A 43 8.93 -19.27 -3.60
C GLN A 43 9.46 -19.07 -5.01
N ARG A 44 9.25 -20.08 -5.85
CA ARG A 44 9.71 -20.07 -7.23
C ARG A 44 8.70 -19.36 -8.11
N PRO A 45 9.13 -18.82 -9.26
CA PRO A 45 8.18 -18.12 -10.14
C PRO A 45 6.91 -18.91 -10.40
N GLY A 46 5.78 -18.35 -10.00
CA GLY A 46 4.47 -18.90 -10.31
C GLY A 46 3.94 -19.93 -9.34
N GLN A 47 4.63 -20.19 -8.23
CA GLN A 47 4.29 -21.28 -7.33
C GLN A 47 3.98 -20.77 -5.92
N SER A 48 3.41 -21.65 -5.11
N SER A 48 3.41 -21.65 -5.11
CA SER A 48 3.24 -21.35 -3.70
CA SER A 48 3.25 -21.38 -3.69
C SER A 48 4.59 -21.48 -2.99
C SER A 48 4.60 -21.46 -2.99
N PRO A 49 4.77 -20.79 -1.85
CA PRO A 49 6.00 -20.98 -1.08
C PRO A 49 6.14 -22.43 -0.64
N MET A 50 7.39 -22.86 -0.45
CA MET A 50 7.67 -24.20 0.06
C MET A 50 8.80 -24.12 1.06
N ARG A 51 8.67 -24.81 2.19
CA ARG A 51 9.71 -24.74 3.20
C ARG A 51 10.91 -25.60 2.79
N LEU A 52 12.10 -25.03 2.95
CA LEU A 52 13.36 -25.73 2.72
C LEU A 52 14.04 -26.15 4.01
N ILE A 53 13.98 -25.29 5.02
CA ILE A 53 14.71 -25.48 6.28
C ILE A 53 13.79 -25.12 7.44
N TYR A 54 13.86 -25.93 8.51
CA TYR A 54 13.09 -25.67 9.72
C TYR A 54 14.00 -25.88 10.93
N LEU A 55 13.58 -25.32 12.07
CA LEU A 55 14.36 -25.35 13.30
C LEU A 55 15.81 -24.94 13.04
N VAL A 56 15.95 -23.85 12.28
CA VAL A 56 17.22 -23.18 11.97
C VAL A 56 18.06 -23.92 10.92
N SER A 57 18.27 -25.24 11.11
CA SER A 57 19.26 -25.95 10.33
C SER A 57 18.80 -27.30 9.79
N LYS A 58 17.57 -27.72 10.03
CA LYS A 58 17.10 -29.02 9.56
C LYS A 58 16.52 -28.90 8.16
N LEU A 59 16.96 -29.78 7.27
CA LEU A 59 16.55 -29.76 5.87
C LEU A 59 15.24 -30.51 5.69
N ASP A 60 14.29 -29.88 5.01
CA ASP A 60 13.07 -30.59 4.66
C ASP A 60 13.37 -31.70 3.66
N SER A 61 12.45 -32.65 3.59
CA SER A 61 12.62 -33.81 2.71
C SER A 61 12.79 -33.38 1.26
N GLY A 62 13.79 -33.95 0.60
CA GLY A 62 14.06 -33.68 -0.80
C GLY A 62 14.96 -32.49 -1.07
N VAL A 63 15.26 -31.68 -0.07
CA VAL A 63 16.06 -30.47 -0.28
C VAL A 63 17.53 -30.86 -0.47
N PRO A 64 18.19 -30.38 -1.51
CA PRO A 64 19.60 -30.74 -1.75
C PRO A 64 20.51 -30.35 -0.58
N ASP A 65 21.51 -31.20 -0.34
CA ASP A 65 22.48 -30.92 0.72
C ASP A 65 23.33 -29.69 0.44
N ARG A 66 23.19 -29.07 -0.73
CA ARG A 66 23.84 -27.79 -1.00
C ARG A 66 23.31 -26.68 -0.12
N PHE A 67 22.13 -26.85 0.47
CA PHE A 67 21.51 -25.84 1.33
C PHE A 67 21.88 -26.12 2.79
N THR A 68 22.33 -25.09 3.49
CA THR A 68 22.55 -25.17 4.92
C THR A 68 21.97 -23.93 5.61
N GLY A 69 21.32 -24.15 6.73
CA GLY A 69 20.86 -23.06 7.58
C GLY A 69 21.66 -23.06 8.87
N SER A 70 21.92 -21.87 9.38
CA SER A 70 22.65 -21.72 10.64
C SER A 70 22.13 -20.51 11.39
N GLY A 71 22.65 -20.32 12.59
CA GLY A 71 22.34 -19.16 13.41
C GLY A 71 21.82 -19.55 14.79
N SER A 72 21.58 -18.53 15.59
CA SER A 72 20.98 -18.70 16.90
C SER A 72 20.48 -17.35 17.37
N GLY A 73 19.53 -17.38 18.30
CA GLY A 73 19.06 -16.16 18.91
C GLY A 73 18.34 -15.26 17.93
N THR A 74 19.03 -14.24 17.39
CA THR A 74 18.41 -13.31 16.47
C THR A 74 19.11 -13.21 15.11
N ASP A 75 20.17 -13.96 14.86
CA ASP A 75 20.92 -13.85 13.61
C ASP A 75 20.97 -15.20 12.92
N PHE A 76 20.41 -15.27 11.71
CA PHE A 76 20.27 -16.52 10.98
C PHE A 76 20.77 -16.36 9.56
N THR A 77 21.26 -17.45 8.99
CA THR A 77 21.89 -17.44 7.68
C THR A 77 21.48 -18.68 6.89
N LEU A 78 21.13 -18.48 5.63
CA LEU A 78 20.94 -19.56 4.68
C LEU A 78 22.09 -19.49 3.67
N LYS A 79 22.75 -20.61 3.44
CA LYS A 79 23.86 -20.68 2.49
C LYS A 79 23.58 -21.74 1.43
N ILE A 80 23.98 -21.45 0.21
CA ILE A 80 23.99 -22.42 -0.88
C ILE A 80 25.45 -22.59 -1.29
N SER A 81 25.96 -23.82 -1.17
CA SER A 81 27.38 -24.05 -1.39
C SER A 81 27.78 -23.74 -2.82
N ARG A 82 26.95 -24.18 -3.77
CA ARG A 82 27.16 -23.92 -5.19
C ARG A 82 25.80 -23.73 -5.82
N VAL A 83 25.59 -22.56 -6.43
CA VAL A 83 24.27 -22.21 -6.95
C VAL A 83 23.99 -22.97 -8.24
N GLU A 84 22.76 -23.47 -8.37
CA GLU A 84 22.26 -24.05 -9.60
C GLU A 84 21.11 -23.18 -10.13
N ALA A 85 20.90 -23.21 -11.45
CA ALA A 85 19.89 -22.36 -12.05
C ALA A 85 18.51 -22.57 -11.45
N GLU A 86 18.19 -23.81 -11.03
CA GLU A 86 16.89 -24.12 -10.46
C GLU A 86 16.69 -23.53 -9.08
N ASP A 87 17.74 -22.99 -8.45
CA ASP A 87 17.61 -22.39 -7.12
C ASP A 87 16.98 -21.00 -7.14
N LEU A 88 16.73 -20.42 -8.31
CA LEU A 88 16.28 -19.05 -8.34
C LEU A 88 14.88 -18.90 -7.75
N GLY A 89 14.60 -17.70 -7.30
CA GLY A 89 13.31 -17.39 -6.71
C GLY A 89 13.50 -16.49 -5.52
N VAL A 90 12.48 -16.38 -4.68
CA VAL A 90 12.54 -15.52 -3.50
C VAL A 90 12.61 -16.39 -2.26
N TYR A 91 13.61 -16.14 -1.43
CA TYR A 91 13.81 -16.85 -0.19
C TYR A 91 13.29 -16.00 0.96
N TYR A 92 12.42 -16.58 1.78
CA TYR A 92 11.84 -15.90 2.94
C TYR A 92 12.24 -16.64 4.20
N CYS A 93 12.57 -15.89 5.25
CA CYS A 93 12.59 -16.46 6.57
C CYS A 93 11.27 -16.16 7.25
N VAL A 94 10.85 -17.05 8.15
CA VAL A 94 9.60 -16.85 8.87
C VAL A 94 9.76 -17.45 10.25
N GLN A 95 9.34 -16.72 11.28
CA GLN A 95 9.50 -17.19 12.66
C GLN A 95 8.18 -17.69 13.22
N GLY A 96 8.25 -18.81 13.95
CA GLY A 96 7.06 -19.38 14.56
C GLY A 96 7.17 -19.46 16.07
N THR A 97 8.15 -18.78 16.66
CA THR A 97 8.31 -18.81 18.10
C THR A 97 7.31 -17.90 18.82
N HIS A 98 7.03 -16.73 18.25
CA HIS A 98 6.17 -15.73 18.86
C HIS A 98 4.94 -15.50 17.99
N PHE A 99 3.78 -15.44 18.62
CA PHE A 99 2.56 -15.01 17.96
C PHE A 99 2.50 -13.49 17.91
N PRO A 100 2.13 -12.89 16.77
CA PRO A 100 1.80 -13.56 15.51
C PRO A 100 3.05 -14.02 14.74
N PHE A 101 2.95 -15.12 14.00
CA PHE A 101 4.07 -15.53 13.15
C PHE A 101 4.31 -14.41 12.14
N THR A 102 5.59 -14.13 11.87
CA THR A 102 5.98 -13.05 10.96
C THR A 102 7.07 -13.50 10.00
N PHE A 103 7.05 -12.91 8.80
CA PHE A 103 7.92 -13.22 7.67
C PHE A 103 8.91 -12.09 7.42
N GLY A 104 10.10 -12.46 6.93
CA GLY A 104 10.95 -11.48 6.31
C GLY A 104 10.39 -11.03 4.96
N SER A 105 10.93 -9.93 4.45
N SER A 105 10.93 -9.94 4.46
CA SER A 105 10.43 -9.41 3.17
CA SER A 105 10.45 -9.41 3.18
C SER A 105 11.07 -10.08 1.96
C SER A 105 10.98 -10.17 1.98
N GLY A 106 11.93 -11.07 2.16
CA GLY A 106 12.41 -11.87 1.05
C GLY A 106 13.73 -11.38 0.45
N THR A 107 14.54 -12.34 0.00
CA THR A 107 15.70 -12.09 -0.83
C THR A 107 15.50 -12.80 -2.16
N LYS A 108 15.55 -12.06 -3.26
CA LYS A 108 15.42 -12.66 -4.59
C LYS A 108 16.79 -13.12 -5.08
N LEU A 109 16.94 -14.41 -5.28
CA LEU A 109 18.16 -14.96 -5.87
C LEU A 109 18.06 -14.94 -7.38
N GLU A 110 19.00 -14.26 -8.02
CA GLU A 110 19.08 -14.12 -9.47
C GLU A 110 20.35 -14.79 -9.98
N ILE A 111 20.24 -15.47 -11.11
CA ILE A 111 21.37 -16.22 -11.66
C ILE A 111 22.11 -15.34 -12.66
N LYS A 112 23.44 -15.33 -12.57
CA LYS A 112 24.28 -14.64 -13.55
C LYS A 112 24.81 -15.64 -14.56
N ARG A 113 24.91 -15.20 -15.81
CA ARG A 113 25.31 -16.06 -16.91
C ARG A 113 25.87 -15.19 -18.02
N ALA A 114 26.26 -15.83 -19.13
CA ALA A 114 26.80 -15.08 -20.26
C ALA A 114 25.72 -14.24 -20.93
N ASP A 115 26.14 -13.15 -21.56
CA ASP A 115 25.22 -12.34 -22.37
C ASP A 115 24.53 -13.20 -23.42
N ALA A 116 23.28 -12.86 -23.71
CA ALA A 116 22.53 -13.53 -24.76
C ALA A 116 21.65 -12.50 -25.46
N ALA A 117 21.72 -12.44 -26.78
CA ALA A 117 20.87 -11.52 -27.52
C ALA A 117 19.44 -12.06 -27.56
N PRO A 118 18.44 -11.18 -27.53
CA PRO A 118 17.06 -11.66 -27.64
C PRO A 118 16.75 -12.20 -29.02
N THR A 119 15.89 -13.20 -29.05
CA THR A 119 15.22 -13.64 -30.26
C THR A 119 13.98 -12.76 -30.43
N VAL A 120 13.98 -11.93 -31.47
CA VAL A 120 12.93 -10.94 -31.66
C VAL A 120 11.95 -11.43 -32.71
N SER A 121 10.65 -11.35 -32.41
CA SER A 121 9.59 -11.74 -33.33
C SER A 121 8.51 -10.68 -33.31
N ILE A 122 8.06 -10.26 -34.49
CA ILE A 122 7.02 -9.26 -34.63
C ILE A 122 5.80 -9.87 -35.30
N PHE A 123 4.61 -9.43 -34.88
CA PHE A 123 3.35 -10.01 -35.35
C PHE A 123 2.36 -8.94 -35.76
N PRO A 124 1.81 -9.00 -36.97
CA PRO A 124 0.77 -8.04 -37.37
C PRO A 124 -0.51 -8.26 -36.59
N PRO A 125 -1.40 -7.28 -36.58
CA PRO A 125 -2.74 -7.52 -36.05
C PRO A 125 -3.39 -8.70 -36.76
N SER A 126 -4.14 -9.46 -35.98
CA SER A 126 -4.87 -10.58 -36.56
C SER A 126 -6.02 -10.08 -37.43
N SER A 127 -6.43 -10.93 -38.37
CA SER A 127 -7.60 -10.59 -39.16
C SER A 127 -8.83 -10.44 -38.27
N GLU A 128 -8.95 -11.29 -37.25
CA GLU A 128 -10.07 -11.23 -36.32
C GLU A 128 -10.13 -9.88 -35.61
N GLN A 129 -8.99 -9.38 -35.12
CA GLN A 129 -9.00 -8.10 -34.43
C GLN A 129 -9.32 -6.96 -35.38
N LEU A 130 -8.74 -6.98 -36.58
CA LEU A 130 -9.03 -5.94 -37.55
C LEU A 130 -10.50 -5.92 -37.92
N THR A 131 -11.09 -7.11 -38.07
CA THR A 131 -12.54 -7.27 -38.25
C THR A 131 -13.32 -6.40 -37.26
N SER A 132 -12.92 -6.43 -35.99
CA SER A 132 -13.66 -5.71 -34.95
C SER A 132 -13.16 -4.29 -34.70
N GLY A 133 -12.22 -3.77 -35.49
CA GLY A 133 -11.84 -2.37 -35.41
C GLY A 133 -10.59 -2.04 -34.62
N GLY A 134 -9.86 -3.04 -34.13
CA GLY A 134 -8.64 -2.81 -33.39
C GLY A 134 -7.42 -3.26 -34.17
N ALA A 135 -6.23 -2.85 -33.69
CA ALA A 135 -4.97 -3.18 -34.37
C ALA A 135 -3.84 -3.18 -33.34
N SER A 136 -3.59 -4.33 -32.72
CA SER A 136 -2.46 -4.48 -31.82
C SER A 136 -1.31 -5.14 -32.57
N VAL A 137 -0.13 -4.51 -32.53
CA VAL A 137 1.08 -5.09 -33.08
C VAL A 137 1.92 -5.62 -31.91
N VAL A 138 2.29 -6.91 -31.96
CA VAL A 138 2.95 -7.56 -30.83
C VAL A 138 4.39 -7.90 -31.20
N CYS A 139 5.29 -7.70 -30.25
CA CYS A 139 6.69 -8.06 -30.42
C CYS A 139 7.19 -8.82 -29.20
N PHE A 140 7.79 -9.98 -29.43
CA PHE A 140 8.43 -10.73 -28.35
C PHE A 140 9.93 -10.57 -28.45
N LEU A 141 10.58 -10.34 -27.31
CA LEU A 141 12.04 -10.24 -27.23
C LEU A 141 12.43 -11.32 -26.23
N ASN A 142 12.78 -12.51 -26.71
CA ASN A 142 12.78 -13.70 -25.87
C ASN A 142 14.18 -14.23 -25.57
N ASN A 143 14.34 -14.74 -24.34
CA ASN A 143 15.52 -15.51 -23.90
C ASN A 143 16.83 -14.71 -24.04
N PHE A 144 16.84 -13.52 -23.44
CA PHE A 144 18.02 -12.66 -23.44
C PHE A 144 18.61 -12.56 -22.05
N TYR A 145 19.85 -12.03 -22.00
CA TYR A 145 20.58 -11.80 -20.75
C TYR A 145 21.60 -10.71 -21.03
N PRO A 146 21.81 -9.75 -20.12
CA PRO A 146 21.15 -9.54 -18.83
C PRO A 146 19.77 -8.92 -18.97
N LYS A 147 19.12 -8.60 -17.84
CA LYS A 147 17.69 -8.30 -17.87
C LYS A 147 17.37 -6.97 -18.54
N ASP A 148 18.28 -6.01 -18.56
CA ASP A 148 17.98 -4.66 -19.05
C ASP A 148 18.06 -4.59 -20.57
N ILE A 149 16.93 -4.84 -21.21
CA ILE A 149 16.74 -4.58 -22.64
C ILE A 149 15.56 -3.64 -22.77
N ASN A 150 15.53 -2.87 -23.85
CA ASN A 150 14.41 -1.98 -24.09
C ASN A 150 13.85 -2.25 -25.48
N VAL A 151 12.68 -1.68 -25.77
CA VAL A 151 12.02 -1.83 -27.05
C VAL A 151 11.78 -0.44 -27.64
N LYS A 152 11.98 -0.33 -28.95
CA LYS A 152 11.62 0.86 -29.69
C LYS A 152 10.78 0.47 -30.88
N TRP A 153 9.69 1.20 -31.08
CA TRP A 153 8.74 0.96 -32.16
C TRP A 153 8.87 2.04 -33.23
N LYS A 154 8.76 1.64 -34.48
CA LYS A 154 8.70 2.58 -35.59
C LYS A 154 7.56 2.22 -36.52
N ILE A 155 6.87 3.25 -37.02
CA ILE A 155 5.80 3.10 -37.98
C ILE A 155 6.20 3.94 -39.18
N ASP A 156 6.28 3.30 -40.34
CA ASP A 156 6.76 3.98 -41.55
C ASP A 156 8.10 4.66 -41.28
N GLY A 157 8.93 4.02 -40.45
CA GLY A 157 10.26 4.50 -40.13
C GLY A 157 10.34 5.59 -39.08
N SER A 158 9.22 5.98 -38.49
CA SER A 158 9.19 7.06 -37.50
C SER A 158 8.90 6.48 -36.12
N GLU A 159 9.72 6.89 -35.14
CA GLU A 159 9.54 6.42 -33.77
C GLU A 159 8.18 6.77 -33.20
N ARG A 160 7.59 5.82 -32.48
CA ARG A 160 6.31 6.00 -31.79
C ARG A 160 6.45 5.52 -30.36
N GLN A 161 6.10 6.38 -29.41
CA GLN A 161 6.22 6.04 -27.99
C GLN A 161 4.89 5.86 -27.28
N ASN A 162 3.81 6.43 -27.79
CA ASN A 162 2.52 6.28 -27.14
C ASN A 162 1.88 4.96 -27.55
N GLY A 163 1.02 4.44 -26.66
CA GLY A 163 0.30 3.21 -26.95
C GLY A 163 1.11 1.95 -26.82
N VAL A 164 2.25 2.00 -26.13
CA VAL A 164 3.14 0.85 -25.99
C VAL A 164 3.06 0.34 -24.56
N LEU A 165 2.75 -0.94 -24.40
CA LEU A 165 2.70 -1.60 -23.11
C LEU A 165 3.62 -2.81 -23.10
N ASN A 166 4.39 -2.94 -22.03
CA ASN A 166 5.41 -3.96 -21.91
C ASN A 166 5.19 -4.83 -20.69
N SER A 167 5.65 -6.08 -20.79
CA SER A 167 5.60 -7.02 -19.70
C SER A 167 6.85 -7.91 -19.76
N TRP A 168 7.35 -8.30 -18.60
CA TRP A 168 8.55 -9.12 -18.49
C TRP A 168 8.28 -10.41 -17.72
N THR A 169 8.84 -11.53 -18.18
CA THR A 169 8.76 -12.77 -17.41
C THR A 169 9.76 -12.74 -16.26
N ASP A 170 9.51 -13.60 -15.27
CA ASP A 170 10.56 -13.86 -14.28
C ASP A 170 11.70 -14.64 -14.95
N GLN A 171 12.85 -14.67 -14.28
CA GLN A 171 14.00 -15.37 -14.85
C GLN A 171 13.69 -16.84 -15.07
N ASP A 172 14.17 -17.37 -16.20
CA ASP A 172 13.93 -18.75 -16.60
C ASP A 172 14.82 -19.71 -15.81
N SER A 173 14.21 -20.72 -15.19
CA SER A 173 14.99 -21.59 -14.32
C SER A 173 15.79 -22.63 -15.07
N LYS A 174 15.62 -22.75 -16.38
CA LYS A 174 16.43 -23.70 -17.16
C LYS A 174 17.64 -23.03 -17.80
N ASP A 175 17.45 -21.90 -18.49
CA ASP A 175 18.57 -21.25 -19.16
C ASP A 175 18.95 -19.91 -18.55
N SER A 176 18.30 -19.51 -17.44
CA SER A 176 18.65 -18.30 -16.68
C SER A 176 18.49 -17.02 -17.50
N THR A 177 17.64 -17.03 -18.52
CA THR A 177 17.40 -15.84 -19.32
C THR A 177 16.13 -15.11 -18.91
N TYR A 178 15.87 -14.00 -19.60
CA TYR A 178 14.69 -13.19 -19.40
C TYR A 178 13.99 -13.02 -20.73
N SER A 179 12.69 -12.72 -20.68
CA SER A 179 11.93 -12.46 -21.91
C SER A 179 11.05 -11.24 -21.68
N MET A 180 10.69 -10.58 -22.77
CA MET A 180 9.92 -9.36 -22.70
C MET A 180 8.89 -9.38 -23.81
N SER A 181 7.71 -8.84 -23.56
N SER A 181 7.70 -8.88 -23.53
CA SER A 181 6.68 -8.72 -24.59
CA SER A 181 6.69 -8.66 -24.53
C SER A 181 6.23 -7.27 -24.66
C SER A 181 6.45 -7.17 -24.67
N SER A 182 6.08 -6.76 -25.87
CA SER A 182 5.70 -5.38 -26.12
C SER A 182 4.55 -5.35 -27.10
N THR A 183 3.50 -4.60 -26.75
CA THR A 183 2.34 -4.45 -27.62
C THR A 183 2.13 -2.98 -27.93
N LEU A 184 2.07 -2.66 -29.22
CA LEU A 184 1.73 -1.34 -29.70
C LEU A 184 0.27 -1.37 -30.12
N THR A 185 -0.59 -0.64 -29.41
CA THR A 185 -2.02 -0.65 -29.70
C THR A 185 -2.36 0.56 -30.56
N LEU A 186 -2.86 0.30 -31.76
CA LEU A 186 -3.32 1.33 -32.68
C LEU A 186 -4.81 1.13 -32.96
N THR A 187 -5.47 2.19 -33.41
CA THR A 187 -6.77 2.01 -34.04
C THR A 187 -6.59 1.35 -35.40
N LYS A 188 -7.63 0.63 -35.85
CA LYS A 188 -7.62 0.09 -37.21
C LYS A 188 -7.33 1.18 -38.22
N ASP A 189 -7.97 2.35 -38.05
CA ASP A 189 -7.77 3.43 -39.01
C ASP A 189 -6.33 3.91 -39.05
N GLU A 190 -5.67 3.99 -37.90
CA GLU A 190 -4.26 4.39 -37.88
C GLU A 190 -3.38 3.32 -38.50
N TYR A 191 -3.61 2.05 -38.13
CA TYR A 191 -2.87 0.95 -38.72
C TYR A 191 -2.98 0.93 -40.24
N GLU A 192 -4.18 1.19 -40.77
CA GLU A 192 -4.38 1.15 -42.21
C GLU A 192 -3.77 2.34 -42.93
N ARG A 193 -3.44 3.40 -42.20
CA ARG A 193 -2.83 4.58 -42.79
C ARG A 193 -1.36 4.40 -43.10
N HIS A 194 -0.72 3.38 -42.53
CA HIS A 194 0.72 3.22 -42.65
C HIS A 194 1.03 1.83 -43.16
N ASN A 195 2.29 1.62 -43.54
CA ASN A 195 2.63 0.35 -44.17
C ASN A 195 3.64 -0.46 -43.37
N SER A 196 4.71 0.15 -42.90
CA SER A 196 5.81 -0.61 -42.31
C SER A 196 5.79 -0.48 -40.79
N TYR A 197 6.02 -1.60 -40.12
CA TYR A 197 6.01 -1.66 -38.66
C TYR A 197 7.29 -2.34 -38.20
N THR A 198 7.99 -1.71 -37.28
CA THR A 198 9.32 -2.17 -36.86
C THR A 198 9.39 -2.24 -35.34
N CYS A 199 9.87 -3.38 -34.84
CA CYS A 199 10.18 -3.58 -33.44
C CYS A 199 11.70 -3.71 -33.30
N GLU A 200 12.28 -2.93 -32.39
CA GLU A 200 13.72 -2.92 -32.19
C GLU A 200 14.05 -3.27 -30.75
N ALA A 201 14.95 -4.22 -30.56
CA ALA A 201 15.54 -4.46 -29.24
C ALA A 201 16.72 -3.52 -29.06
N THR A 202 16.64 -2.64 -28.08
CA THR A 202 17.67 -1.63 -27.85
C THR A 202 18.31 -1.81 -26.49
N HIS A 203 19.39 -1.04 -26.28
CA HIS A 203 20.12 -1.05 -25.03
C HIS A 203 20.40 0.38 -24.62
N LYS A 204 20.67 0.57 -23.34
CA LYS A 204 21.01 1.89 -22.83
C LYS A 204 22.48 2.21 -22.99
N THR A 205 23.21 1.40 -23.74
CA THR A 205 24.62 1.60 -24.06
C THR A 205 24.77 1.65 -25.57
N SER A 206 25.92 2.14 -26.01
CA SER A 206 26.20 2.17 -27.45
C SER A 206 26.44 0.75 -27.93
N THR A 207 25.38 0.12 -28.44
CA THR A 207 25.36 -1.28 -28.80
C THR A 207 24.41 -1.44 -29.98
N SER A 208 24.74 -2.36 -30.91
CA SER A 208 23.89 -2.55 -32.08
C SER A 208 22.51 -3.08 -31.68
N PRO A 209 21.44 -2.63 -32.34
CA PRO A 209 20.10 -3.16 -32.04
C PRO A 209 19.87 -4.48 -32.75
N ILE A 210 18.72 -5.09 -32.44
CA ILE A 210 18.19 -6.26 -33.14
C ILE A 210 16.80 -5.88 -33.61
N VAL A 211 16.55 -5.96 -34.92
CA VAL A 211 15.34 -5.38 -35.49
C VAL A 211 14.52 -6.45 -36.22
N LYS A 212 13.19 -6.26 -36.20
CA LYS A 212 12.28 -7.08 -36.98
C LYS A 212 11.17 -6.19 -37.53
N SER A 213 10.79 -6.40 -38.78
CA SER A 213 9.76 -5.56 -39.39
C SER A 213 8.78 -6.42 -40.18
N PHE A 214 7.60 -5.86 -40.48
CA PHE A 214 6.74 -6.39 -41.51
C PHE A 214 6.09 -5.22 -42.24
N ASN A 215 5.51 -5.52 -43.38
CA ASN A 215 4.81 -4.55 -44.21
C ASN A 215 3.37 -4.97 -44.35
N ARG A 216 2.45 -4.02 -44.26
CA ARG A 216 1.04 -4.35 -44.50
C ARG A 216 0.82 -4.81 -45.93
N ASN A 217 1.55 -4.25 -46.90
CA ASN A 217 1.19 -4.50 -48.30
C ASN A 217 1.85 -5.73 -48.89
N GLU A 218 2.83 -6.34 -48.23
CA GLU A 218 3.48 -7.50 -48.82
C GLU A 218 4.20 -8.27 -47.73
N CYS A 219 4.44 -9.55 -48.02
CA CYS A 219 5.17 -10.39 -47.09
C CYS A 219 6.67 -10.24 -47.28
N GLU B 1 -1.80 -37.99 -2.95
CA GLU B 1 -1.17 -37.95 -1.64
C GLU B 1 -1.83 -36.89 -0.75
N VAL B 2 -1.03 -36.12 -0.01
CA VAL B 2 -1.58 -35.00 0.74
C VAL B 2 -1.78 -33.83 -0.21
N GLN B 3 -3.00 -33.31 -0.25
CA GLN B 3 -3.33 -32.20 -1.13
C GLN B 3 -4.22 -31.21 -0.39
N LEU B 4 -3.99 -29.93 -0.66
CA LEU B 4 -4.80 -28.84 -0.16
C LEU B 4 -5.39 -28.13 -1.37
N GLN B 5 -6.67 -28.35 -1.64
CA GLN B 5 -7.30 -27.82 -2.84
C GLN B 5 -8.19 -26.64 -2.46
N GLN B 6 -7.76 -25.44 -2.84
CA GLN B 6 -8.46 -24.22 -2.47
C GLN B 6 -9.49 -23.83 -3.52
N SER B 7 -10.40 -22.95 -3.09
CA SER B 7 -11.38 -22.30 -3.96
C SER B 7 -10.70 -21.67 -5.16
N GLY B 8 -11.43 -21.62 -6.27
CA GLY B 8 -10.99 -20.89 -7.43
C GLY B 8 -11.01 -19.40 -7.18
N PRO B 9 -10.44 -18.63 -8.12
CA PRO B 9 -10.38 -17.17 -7.93
C PRO B 9 -11.77 -16.56 -7.85
N GLU B 10 -11.85 -15.42 -7.16
CA GLU B 10 -13.13 -14.77 -6.93
C GLU B 10 -13.10 -13.28 -7.16
N LEU B 11 -14.13 -12.81 -7.81
CA LEU B 11 -14.45 -11.39 -7.93
C LEU B 11 -15.55 -11.09 -6.92
N VAL B 12 -15.31 -10.12 -6.04
CA VAL B 12 -16.27 -9.80 -4.99
C VAL B 12 -16.36 -8.29 -4.81
N LYS B 13 -17.57 -7.83 -4.46
CA LYS B 13 -17.75 -6.40 -4.40
C LYS B 13 -17.36 -5.86 -3.02
N PRO B 14 -16.90 -4.61 -2.96
CA PRO B 14 -16.62 -3.99 -1.67
C PRO B 14 -17.86 -3.98 -0.79
N GLY B 15 -17.65 -4.26 0.50
CA GLY B 15 -18.73 -4.29 1.48
C GLY B 15 -19.40 -5.63 1.62
N ALA B 16 -19.14 -6.57 0.73
CA ALA B 16 -19.63 -7.92 0.91
C ALA B 16 -18.73 -8.67 1.87
N SER B 17 -19.17 -9.88 2.22
CA SER B 17 -18.35 -10.86 2.92
C SER B 17 -18.34 -12.12 2.07
N MET B 18 -17.22 -12.85 2.10
N MET B 18 -17.21 -12.83 2.08
CA MET B 18 -17.08 -14.00 1.21
CA MET B 18 -16.99 -13.96 1.20
C MET B 18 -16.15 -15.06 1.79
C MET B 18 -16.38 -15.10 2.01
N LYS B 19 -16.41 -16.29 1.42
CA LYS B 19 -15.76 -17.47 1.97
C LYS B 19 -14.73 -18.05 0.99
N ILE B 20 -13.55 -18.39 1.51
CA ILE B 20 -12.54 -19.17 0.81
C ILE B 20 -12.56 -20.57 1.40
N SER B 21 -12.48 -21.60 0.56
CA SER B 21 -12.43 -22.96 1.08
C SER B 21 -11.07 -23.60 0.83
N CYS B 22 -10.72 -24.56 1.67
CA CYS B 22 -9.47 -25.31 1.54
C CYS B 22 -9.80 -26.76 1.88
N LYS B 23 -9.94 -27.59 0.84
CA LYS B 23 -10.33 -28.98 1.00
C LYS B 23 -9.07 -29.84 1.20
N ALA B 24 -8.97 -30.49 2.35
CA ALA B 24 -7.82 -31.32 2.68
C ALA B 24 -8.12 -32.78 2.36
N SER B 25 -7.10 -33.49 1.89
CA SER B 25 -7.25 -34.92 1.64
C SER B 25 -5.90 -35.59 1.79
N GLY B 26 -5.93 -36.90 1.97
CA GLY B 26 -4.72 -37.68 2.11
C GLY B 26 -4.14 -37.77 3.51
N TYR B 27 -4.83 -37.27 4.52
CA TYR B 27 -4.31 -37.33 5.89
C TYR B 27 -5.48 -37.18 6.85
N SER B 28 -5.21 -37.44 8.13
CA SER B 28 -6.21 -37.29 9.18
C SER B 28 -6.46 -35.80 9.43
N PHE B 29 -7.59 -35.30 8.93
CA PHE B 29 -7.87 -33.87 8.96
C PHE B 29 -7.73 -33.27 10.36
N THR B 30 -8.26 -33.96 11.37
CA THR B 30 -8.19 -33.41 12.72
C THR B 30 -6.82 -33.55 13.37
N GLY B 31 -5.86 -34.19 12.69
CA GLY B 31 -4.55 -34.38 13.28
C GLY B 31 -3.55 -33.26 13.08
N TYR B 32 -3.89 -32.20 12.34
CA TYR B 32 -2.93 -31.17 11.99
C TYR B 32 -3.57 -29.80 12.01
N THR B 33 -2.85 -28.81 12.51
CA THR B 33 -3.34 -27.44 12.49
C THR B 33 -3.23 -26.86 11.09
N MET B 34 -4.21 -26.05 10.70
CA MET B 34 -4.20 -25.35 9.43
C MET B 34 -3.94 -23.86 9.66
N ASN B 35 -3.08 -23.27 8.82
CA ASN B 35 -2.81 -21.84 8.83
C ASN B 35 -3.36 -21.18 7.57
N TRP B 36 -3.57 -19.86 7.66
CA TRP B 36 -3.92 -19.05 6.50
C TRP B 36 -2.93 -17.90 6.36
N VAL B 37 -2.57 -17.59 5.11
CA VAL B 37 -1.52 -16.61 4.82
C VAL B 37 -2.00 -15.70 3.70
N LYS B 38 -1.72 -14.41 3.81
CA LYS B 38 -2.01 -13.44 2.76
C LYS B 38 -0.74 -13.03 2.03
N GLN B 39 -0.77 -13.00 0.70
CA GLN B 39 0.33 -12.46 -0.07
C GLN B 39 -0.19 -11.35 -0.98
N SER B 40 0.28 -10.13 -0.77
CA SER B 40 -0.15 -8.98 -1.56
C SER B 40 0.84 -8.75 -2.69
N HIS B 41 0.34 -8.74 -3.93
CA HIS B 41 1.10 -8.34 -5.11
C HIS B 41 2.33 -9.23 -5.35
N GLY B 42 2.24 -10.51 -4.95
CA GLY B 42 3.37 -11.40 -5.08
C GLY B 42 4.57 -10.99 -4.24
N LYS B 43 4.39 -10.08 -3.29
CA LYS B 43 5.47 -9.59 -2.45
C LYS B 43 5.31 -10.11 -1.03
N ASN B 44 4.87 -9.22 -0.13
CA ASN B 44 4.94 -9.49 1.30
C ASN B 44 3.97 -10.59 1.71
N LEU B 45 4.43 -11.45 2.60
CA LEU B 45 3.64 -12.53 3.17
C LEU B 45 3.24 -12.15 4.59
N GLU B 46 1.99 -12.45 4.94
CA GLU B 46 1.44 -12.13 6.25
C GLU B 46 0.69 -13.33 6.79
N TRP B 47 0.95 -13.70 8.04
CA TRP B 47 0.23 -14.78 8.68
C TRP B 47 -1.09 -14.25 9.23
N ILE B 48 -2.21 -14.85 8.81
CA ILE B 48 -3.55 -14.43 9.24
C ILE B 48 -3.97 -15.07 10.55
N GLY B 49 -3.77 -16.38 10.68
CA GLY B 49 -4.20 -17.09 11.86
C GLY B 49 -4.14 -18.58 11.61
N LEU B 50 -4.46 -19.35 12.67
CA LEU B 50 -4.50 -20.80 12.54
C LEU B 50 -5.76 -21.35 13.20
N ILE B 51 -6.11 -22.58 12.83
CA ILE B 51 -7.22 -23.29 13.43
C ILE B 51 -6.83 -24.76 13.57
N ASN B 52 -7.08 -25.33 14.75
CA ASN B 52 -6.86 -26.74 14.99
C ASN B 52 -8.20 -27.44 14.81
N PRO B 53 -8.39 -28.26 13.77
CA PRO B 53 -9.71 -28.82 13.52
C PRO B 53 -10.15 -29.80 14.60
N TYR B 54 -9.22 -30.43 15.32
CA TYR B 54 -9.63 -31.37 16.35
C TYR B 54 -10.38 -30.68 17.48
N ASN B 55 -9.78 -29.64 18.06
CA ASN B 55 -10.28 -29.04 19.28
C ASN B 55 -10.86 -27.64 19.09
N GLY B 56 -10.87 -27.12 17.86
CA GLY B 56 -11.42 -25.82 17.58
C GLY B 56 -10.60 -24.63 18.03
N VAL B 57 -9.38 -24.85 18.53
CA VAL B 57 -8.51 -23.73 18.89
C VAL B 57 -8.29 -22.86 17.66
N THR B 58 -8.63 -21.59 17.77
N THR B 58 -8.50 -21.56 17.80
CA THR B 58 -8.36 -20.61 16.72
CA THR B 58 -8.40 -20.63 16.67
C THR B 58 -7.52 -19.50 17.31
C THR B 58 -7.67 -19.36 17.12
N ARG B 59 -6.46 -19.13 16.61
CA ARG B 59 -5.63 -18.00 16.98
C ARG B 59 -5.47 -17.07 15.79
N TYR B 60 -5.64 -15.78 16.01
CA TYR B 60 -5.55 -14.78 14.95
C TYR B 60 -4.38 -13.82 15.16
N ASN B 61 -3.76 -13.42 14.06
CA ASN B 61 -2.99 -12.17 14.03
C ASN B 61 -3.95 -11.01 14.31
N GLN B 62 -3.64 -10.20 15.33
CA GLN B 62 -4.55 -9.11 15.72
C GLN B 62 -4.85 -8.18 14.55
N LYS B 63 -3.91 -8.05 13.59
N LYS B 63 -3.91 -8.05 13.60
CA LYS B 63 -4.16 -7.23 12.41
CA LYS B 63 -4.17 -7.24 12.42
C LYS B 63 -5.37 -7.70 11.60
C LYS B 63 -5.44 -7.67 11.70
N PHE B 64 -5.75 -8.97 11.70
CA PHE B 64 -6.88 -9.51 10.96
C PHE B 64 -8.09 -9.83 11.83
N LYS B 65 -8.04 -9.48 13.12
CA LYS B 65 -9.22 -9.63 13.97
C LYS B 65 -10.34 -8.76 13.43
N GLY B 66 -11.52 -9.35 13.22
CA GLY B 66 -12.61 -8.63 12.61
C GLY B 66 -12.54 -8.52 11.10
N LYS B 67 -11.52 -9.09 10.48
CA LYS B 67 -11.46 -9.23 9.03
C LYS B 67 -11.60 -10.68 8.57
N ALA B 68 -10.99 -11.61 9.29
CA ALA B 68 -11.01 -13.03 8.93
C ALA B 68 -11.66 -13.83 10.05
N THR B 69 -12.48 -14.80 9.66
CA THR B 69 -13.03 -15.81 10.56
C THR B 69 -12.69 -17.19 10.02
N LEU B 70 -12.10 -18.02 10.88
CA LEU B 70 -11.67 -19.36 10.50
C LEU B 70 -12.62 -20.38 11.11
N ILE B 71 -13.12 -21.29 10.28
CA ILE B 71 -13.91 -22.44 10.74
C ILE B 71 -13.44 -23.68 9.99
N VAL B 72 -13.89 -24.84 10.47
CA VAL B 72 -13.66 -26.08 9.75
C VAL B 72 -14.96 -26.84 9.66
N ASP B 73 -15.04 -27.68 8.63
CA ASP B 73 -16.12 -28.67 8.48
C ASP B 73 -15.43 -30.02 8.53
N LYS B 74 -15.42 -30.63 9.72
CA LYS B 74 -14.74 -31.93 9.86
C LYS B 74 -15.40 -32.98 8.97
N SER B 75 -16.72 -32.90 8.77
CA SER B 75 -17.42 -33.89 7.96
C SER B 75 -16.86 -33.95 6.55
N SER B 76 -16.42 -32.81 6.00
CA SER B 76 -15.94 -32.75 4.63
C SER B 76 -14.43 -32.49 4.55
N SER B 77 -13.72 -32.54 5.68
CA SER B 77 -12.29 -32.24 5.73
C SER B 77 -11.97 -30.94 4.99
N THR B 78 -12.75 -29.91 5.27
CA THR B 78 -12.59 -28.63 4.61
C THR B 78 -12.41 -27.52 5.63
N ALA B 79 -11.36 -26.73 5.44
CA ALA B 79 -11.18 -25.51 6.21
C ALA B 79 -11.74 -24.32 5.44
N TYR B 80 -12.34 -23.38 6.16
CA TYR B 80 -12.93 -22.20 5.55
C TYR B 80 -12.38 -20.94 6.20
N MET B 81 -12.15 -19.92 5.39
CA MET B 81 -11.86 -18.58 5.89
C MET B 81 -12.89 -17.61 5.33
N GLU B 82 -13.64 -16.98 6.22
CA GLU B 82 -14.54 -15.91 5.82
C GLU B 82 -13.79 -14.59 5.87
N LEU B 83 -13.85 -13.83 4.79
CA LEU B 83 -13.31 -12.47 4.76
C LEU B 83 -14.48 -11.50 4.84
N LEU B 84 -14.45 -10.65 5.86
CA LEU B 84 -15.59 -9.79 6.18
C LEU B 84 -15.35 -8.36 5.69
N SER B 85 -16.46 -7.70 5.33
CA SER B 85 -16.46 -6.25 5.09
C SER B 85 -15.36 -5.88 4.08
N LEU B 86 -15.42 -6.51 2.93
CA LEU B 86 -14.29 -6.47 2.00
C LEU B 86 -14.03 -5.05 1.48
N THR B 87 -12.74 -4.71 1.38
CA THR B 87 -12.29 -3.46 0.76
C THR B 87 -11.23 -3.77 -0.28
N SER B 88 -10.80 -2.73 -1.01
CA SER B 88 -9.82 -2.92 -2.07
C SER B 88 -8.54 -3.58 -1.56
N GLU B 89 -8.12 -3.23 -0.34
CA GLU B 89 -6.87 -3.78 0.19
C GLU B 89 -6.98 -5.24 0.59
N ASP B 90 -8.16 -5.85 0.52
CA ASP B 90 -8.26 -7.30 0.69
C ASP B 90 -7.96 -8.06 -0.59
N SER B 91 -7.78 -7.35 -1.71
CA SER B 91 -7.37 -8.00 -2.95
C SER B 91 -5.96 -8.58 -2.76
N ALA B 92 -5.82 -9.88 -2.97
CA ALA B 92 -4.57 -10.57 -2.69
C ALA B 92 -4.70 -12.04 -3.05
N VAL B 93 -3.61 -12.79 -2.91
CA VAL B 93 -3.62 -14.25 -2.95
C VAL B 93 -3.63 -14.75 -1.52
N TYR B 94 -4.56 -15.65 -1.21
CA TYR B 94 -4.67 -16.24 0.11
C TYR B 94 -4.31 -17.71 0.03
N TYR B 95 -3.45 -18.17 0.95
CA TYR B 95 -3.04 -19.56 1.01
C TYR B 95 -3.57 -20.19 2.29
N CYS B 96 -3.93 -21.47 2.19
CA CYS B 96 -4.03 -22.29 3.40
C CYS B 96 -2.77 -23.15 3.46
N THR B 97 -2.35 -23.50 4.69
CA THR B 97 -1.20 -24.37 4.86
C THR B 97 -1.52 -25.38 5.95
N ARG B 98 -0.92 -26.56 5.85
CA ARG B 98 -1.03 -27.58 6.89
C ARG B 98 0.28 -27.66 7.66
N GLU B 99 0.17 -27.47 8.97
CA GLU B 99 1.30 -27.48 9.88
C GLU B 99 1.71 -28.92 10.16
N ALA B 100 2.93 -29.08 10.65
CA ALA B 100 3.39 -30.36 11.17
C ALA B 100 2.81 -30.62 12.55
N LYS B 101 2.57 -31.90 12.85
CA LYS B 101 2.21 -32.29 14.22
C LYS B 101 3.49 -32.71 14.95
N ARG B 102 4.11 -33.79 14.50
CA ARG B 102 5.43 -34.13 15.00
C ARG B 102 6.48 -33.27 14.30
N GLU B 103 7.63 -33.13 14.95
CA GLU B 103 8.70 -32.28 14.42
C GLU B 103 9.08 -32.69 13.01
N TRP B 104 9.08 -33.99 12.71
CA TRP B 104 9.55 -34.51 11.44
C TRP B 104 8.47 -34.54 10.35
N ASP B 105 7.28 -34.03 10.62
CA ASP B 105 6.22 -34.04 9.63
C ASP B 105 6.49 -33.05 8.50
N GLU B 106 6.08 -33.42 7.30
CA GLU B 106 6.08 -32.48 6.19
C GLU B 106 5.00 -31.42 6.40
N THR B 107 5.23 -30.23 5.83
CA THR B 107 4.22 -29.19 5.79
C THR B 107 3.81 -28.94 4.35
N TYR B 108 2.61 -28.38 4.17
CA TYR B 108 2.03 -28.29 2.84
C TYR B 108 1.34 -26.96 2.66
N TRP B 109 1.27 -26.51 1.40
CA TRP B 109 0.59 -25.28 1.01
C TRP B 109 -0.45 -25.58 -0.06
N GLY B 110 -1.60 -24.92 0.03
CA GLY B 110 -2.55 -24.92 -1.06
C GLY B 110 -2.01 -24.15 -2.24
N GLN B 111 -2.77 -24.19 -3.35
CA GLN B 111 -2.31 -23.51 -4.55
C GLN B 111 -2.60 -22.01 -4.53
N GLY B 112 -3.30 -21.52 -3.51
CA GLY B 112 -3.63 -20.11 -3.45
C GLY B 112 -4.96 -19.79 -4.12
N THR B 113 -5.63 -18.76 -3.60
CA THR B 113 -6.88 -18.24 -4.15
C THR B 113 -6.71 -16.74 -4.35
N LEU B 114 -6.85 -16.31 -5.61
CA LEU B 114 -6.74 -14.90 -5.96
C LEU B 114 -8.10 -14.22 -5.76
N VAL B 115 -8.16 -13.25 -4.85
CA VAL B 115 -9.37 -12.48 -4.59
C VAL B 115 -9.20 -11.09 -5.20
N THR B 116 -10.16 -10.68 -6.02
CA THR B 116 -10.20 -9.34 -6.56
C THR B 116 -11.42 -8.66 -5.98
N VAL B 117 -11.22 -7.61 -5.18
CA VAL B 117 -12.32 -6.81 -4.67
C VAL B 117 -12.54 -5.64 -5.61
N SER B 118 -13.72 -5.59 -6.25
CA SER B 118 -14.00 -4.55 -7.23
C SER B 118 -15.50 -4.47 -7.49
N ALA B 119 -15.95 -3.29 -7.89
CA ALA B 119 -17.34 -3.11 -8.28
C ALA B 119 -17.56 -3.39 -9.76
N ALA B 120 -16.49 -3.59 -10.52
CA ALA B 120 -16.60 -3.77 -11.95
C ALA B 120 -17.21 -5.11 -12.30
N LYS B 121 -17.89 -5.14 -13.45
CA LYS B 121 -18.43 -6.38 -14.00
C LYS B 121 -17.31 -7.21 -14.61
N THR B 122 -17.60 -8.48 -14.84
CA THR B 122 -16.69 -9.36 -15.55
C THR B 122 -16.74 -9.09 -17.04
N THR B 123 -15.57 -9.12 -17.68
CA THR B 123 -15.44 -9.04 -19.13
C THR B 123 -14.57 -10.21 -19.60
N PRO B 124 -15.02 -11.01 -20.56
CA PRO B 124 -14.21 -12.12 -21.04
C PRO B 124 -13.16 -11.62 -22.00
N PRO B 125 -12.05 -12.35 -22.15
CA PRO B 125 -11.01 -11.91 -23.07
C PRO B 125 -11.44 -12.09 -24.51
N SER B 126 -10.88 -11.26 -25.37
CA SER B 126 -10.80 -11.53 -26.80
C SER B 126 -9.44 -12.14 -27.07
N VAL B 127 -9.43 -13.29 -27.74
CA VAL B 127 -8.19 -14.03 -27.94
C VAL B 127 -7.84 -13.99 -29.42
N TYR B 128 -6.65 -13.50 -29.73
CA TYR B 128 -6.22 -13.33 -31.10
C TYR B 128 -4.98 -14.17 -31.38
N PRO B 129 -4.97 -14.92 -32.47
CA PRO B 129 -3.76 -15.64 -32.85
C PRO B 129 -2.73 -14.70 -33.44
N LEU B 130 -1.47 -15.02 -33.18
CA LEU B 130 -0.32 -14.22 -33.61
C LEU B 130 0.53 -15.08 -34.54
N ALA B 131 0.56 -14.72 -35.81
CA ALA B 131 1.34 -15.44 -36.81
C ALA B 131 2.31 -14.48 -37.49
N PRO B 132 3.46 -14.98 -37.96
CA PRO B 132 4.47 -14.10 -38.57
C PRO B 132 3.94 -13.30 -39.75
N GLY B 133 4.55 -12.13 -39.97
CA GLY B 133 4.22 -11.32 -41.13
C GLY B 133 5.07 -11.60 -42.34
N SER B 134 6.08 -12.44 -42.20
CA SER B 134 6.92 -12.92 -43.28
C SER B 134 6.48 -14.32 -43.68
N ALA B 135 6.83 -14.69 -44.91
CA ALA B 135 6.52 -16.02 -45.41
C ALA B 135 7.55 -17.05 -45.00
N ALA B 136 8.79 -16.63 -44.76
CA ALA B 136 9.87 -17.55 -44.41
C ALA B 136 10.87 -16.81 -43.55
N GLN B 137 11.79 -17.57 -42.96
CA GLN B 137 12.80 -17.02 -42.07
C GLN B 137 14.02 -17.94 -42.09
N THR B 138 15.07 -17.51 -41.39
CA THR B 138 16.30 -18.30 -41.28
C THR B 138 16.28 -19.27 -40.11
N ASN B 139 15.73 -18.84 -38.97
CA ASN B 139 15.82 -19.60 -37.73
C ASN B 139 15.15 -20.97 -37.86
N SER B 140 15.83 -22.01 -37.38
CA SER B 140 15.28 -23.36 -37.37
C SER B 140 14.14 -23.53 -36.38
N MET B 141 13.80 -22.49 -35.62
N MET B 141 13.82 -22.51 -35.60
CA MET B 141 12.64 -22.51 -34.72
CA MET B 141 12.65 -22.49 -34.73
C MET B 141 11.79 -21.29 -35.01
C MET B 141 11.78 -21.30 -35.10
N VAL B 142 10.47 -21.47 -35.03
CA VAL B 142 9.53 -20.40 -35.33
C VAL B 142 8.75 -20.08 -34.07
N THR B 143 8.54 -18.79 -33.83
CA THR B 143 7.79 -18.33 -32.66
C THR B 143 6.40 -17.88 -33.08
N LEU B 144 5.38 -18.37 -32.39
CA LEU B 144 4.00 -18.01 -32.58
C LEU B 144 3.46 -17.48 -31.26
N GLY B 145 2.25 -16.90 -31.30
CA GLY B 145 1.73 -16.38 -30.04
C GLY B 145 0.23 -16.22 -30.01
N CYS B 146 -0.27 -15.77 -28.86
CA CYS B 146 -1.67 -15.46 -28.70
C CYS B 146 -1.76 -14.23 -27.83
N LEU B 147 -2.59 -13.28 -28.26
CA LEU B 147 -2.85 -12.07 -27.51
C LEU B 147 -4.20 -12.27 -26.81
N VAL B 148 -4.21 -12.11 -25.50
CA VAL B 148 -5.40 -12.34 -24.68
C VAL B 148 -5.83 -10.97 -24.17
N LYS B 149 -6.77 -10.34 -24.85
CA LYS B 149 -6.94 -8.89 -24.73
C LYS B 149 -8.26 -8.51 -24.04
N GLY B 150 -8.16 -7.58 -23.09
CA GLY B 150 -9.29 -6.87 -22.53
C GLY B 150 -10.24 -7.66 -21.65
N TYR B 151 -9.71 -8.36 -20.65
CA TYR B 151 -10.52 -9.13 -19.73
C TYR B 151 -10.46 -8.54 -18.32
N PHE B 152 -11.45 -8.92 -17.52
CA PHE B 152 -11.43 -8.55 -16.12
C PHE B 152 -12.31 -9.54 -15.37
N PRO B 153 -11.92 -10.00 -14.18
CA PRO B 153 -10.65 -9.80 -13.47
C PRO B 153 -9.59 -10.82 -13.88
N GLU B 154 -8.43 -10.75 -13.25
CA GLU B 154 -7.50 -11.88 -13.32
C GLU B 154 -8.08 -13.05 -12.53
N PRO B 155 -7.65 -14.28 -12.83
CA PRO B 155 -6.66 -14.66 -13.84
C PRO B 155 -7.27 -15.23 -15.12
N VAL B 156 -6.41 -15.46 -16.11
CA VAL B 156 -6.67 -16.38 -17.21
C VAL B 156 -5.63 -17.48 -17.12
N THR B 157 -5.92 -18.60 -17.79
CA THR B 157 -5.00 -19.71 -17.91
C THR B 157 -4.77 -19.99 -19.39
N VAL B 158 -3.52 -19.98 -19.81
CA VAL B 158 -3.13 -20.17 -21.21
C VAL B 158 -2.35 -21.47 -21.32
N THR B 159 -2.78 -22.34 -22.22
CA THR B 159 -2.03 -23.53 -22.61
C THR B 159 -1.91 -23.55 -24.12
N TRP B 160 -1.08 -24.46 -24.60
CA TRP B 160 -0.79 -24.61 -26.01
C TRP B 160 -1.01 -26.06 -26.38
N ASN B 161 -1.79 -26.30 -27.43
CA ASN B 161 -2.16 -27.66 -27.86
C ASN B 161 -2.67 -28.47 -26.68
N SER B 162 -3.54 -27.84 -25.87
CA SER B 162 -4.16 -28.47 -24.71
C SER B 162 -3.12 -28.99 -23.71
N GLY B 163 -1.97 -28.32 -23.65
CA GLY B 163 -0.92 -28.68 -22.71
C GLY B 163 0.16 -29.58 -23.28
N SER B 164 -0.03 -30.16 -24.46
CA SER B 164 1.01 -31.03 -25.01
C SER B 164 2.21 -30.22 -25.51
N LEU B 165 2.02 -28.93 -25.76
CA LEU B 165 3.11 -28.00 -26.05
C LEU B 165 3.38 -27.24 -24.76
N SER B 166 4.39 -27.69 -24.01
CA SER B 166 4.75 -27.08 -22.75
C SER B 166 6.14 -26.45 -22.74
N SER B 167 7.09 -27.00 -23.49
CA SER B 167 8.41 -26.40 -23.56
C SER B 167 8.39 -25.20 -24.50
N GLY B 168 9.27 -24.25 -24.25
CA GLY B 168 9.43 -23.14 -25.17
C GLY B 168 8.29 -22.15 -25.14
N VAL B 169 7.55 -22.08 -24.02
CA VAL B 169 6.44 -21.16 -23.84
C VAL B 169 6.86 -20.01 -22.93
N HIS B 170 6.47 -18.80 -23.29
CA HIS B 170 6.56 -17.66 -22.38
C HIS B 170 5.18 -17.05 -22.28
N THR B 171 4.56 -17.16 -21.12
CA THR B 171 3.29 -16.47 -20.87
C THR B 171 3.58 -15.30 -19.94
N PHE B 172 3.33 -14.11 -20.43
CA PHE B 172 3.78 -12.88 -19.78
C PHE B 172 2.74 -12.38 -18.78
N PRO B 173 3.19 -11.62 -17.77
CA PRO B 173 2.24 -10.98 -16.85
C PRO B 173 1.31 -10.03 -17.59
N ALA B 174 0.07 -9.98 -17.12
CA ALA B 174 -0.91 -9.08 -17.70
C ALA B 174 -0.61 -7.63 -17.34
N VAL B 175 -0.99 -6.73 -18.23
CA VAL B 175 -0.90 -5.29 -18.02
C VAL B 175 -2.32 -4.75 -17.95
N LEU B 176 -2.52 -3.75 -17.10
CA LEU B 176 -3.84 -3.16 -16.89
C LEU B 176 -3.93 -1.87 -17.66
N GLN B 177 -4.98 -1.72 -18.47
CA GLN B 177 -5.18 -0.47 -19.19
C GLN B 177 -6.66 -0.27 -19.44
N SER B 178 -7.15 0.93 -19.13
CA SER B 178 -8.57 1.25 -19.28
C SER B 178 -9.42 0.19 -18.61
N ASP B 179 -9.01 -0.19 -17.40
CA ASP B 179 -9.74 -1.06 -16.49
C ASP B 179 -9.84 -2.50 -17.01
N LEU B 180 -9.05 -2.88 -18.02
CA LEU B 180 -9.01 -4.26 -18.48
C LEU B 180 -7.58 -4.76 -18.52
N TYR B 181 -7.43 -6.06 -18.33
CA TYR B 181 -6.14 -6.73 -18.41
C TYR B 181 -5.90 -7.26 -19.82
N THR B 182 -4.63 -7.28 -20.22
CA THR B 182 -4.20 -7.88 -21.48
C THR B 182 -2.90 -8.59 -21.23
N LEU B 183 -2.79 -9.82 -21.72
CA LEU B 183 -1.51 -10.52 -21.65
C LEU B 183 -1.23 -11.16 -23.00
N SER B 184 0.00 -11.64 -23.15
CA SER B 184 0.37 -12.36 -24.35
C SER B 184 1.11 -13.63 -23.95
N SER B 185 1.11 -14.59 -24.87
CA SER B 185 1.87 -15.83 -24.69
C SER B 185 2.57 -16.15 -25.98
N SER B 186 3.85 -16.52 -25.90
CA SER B 186 4.61 -16.98 -27.06
C SER B 186 4.93 -18.46 -26.93
N VAL B 187 4.98 -19.17 -28.07
CA VAL B 187 5.49 -20.54 -28.10
C VAL B 187 6.45 -20.68 -29.27
N THR B 188 7.51 -21.45 -29.08
CA THR B 188 8.56 -21.62 -30.09
C THR B 188 8.65 -23.10 -30.44
N VAL B 189 8.46 -23.41 -31.72
CA VAL B 189 8.42 -24.80 -32.19
C VAL B 189 9.42 -24.96 -33.33
N PRO B 190 9.81 -26.21 -33.64
CA PRO B 190 10.69 -26.41 -34.80
C PRO B 190 10.02 -25.92 -36.07
N SER B 191 10.79 -25.21 -36.88
CA SER B 191 10.25 -24.64 -38.10
C SER B 191 9.73 -25.72 -39.04
N SER B 192 10.30 -26.93 -38.98
CA SER B 192 9.79 -28.00 -39.83
C SER B 192 8.39 -28.48 -39.44
N THR B 193 7.87 -28.06 -38.29
CA THR B 193 6.55 -28.52 -37.85
C THR B 193 5.44 -27.53 -38.14
N TRP B 194 5.76 -26.28 -38.48
CA TRP B 194 4.73 -25.29 -38.71
C TRP B 194 4.93 -24.66 -40.08
N PRO B 195 3.86 -24.48 -40.86
CA PRO B 195 2.48 -24.71 -40.45
C PRO B 195 1.92 -26.09 -40.78
N SER B 196 2.76 -27.06 -41.09
CA SER B 196 2.25 -28.39 -41.43
C SER B 196 1.49 -29.02 -40.27
N GLU B 197 1.88 -28.73 -39.04
CA GLU B 197 1.18 -29.23 -37.86
C GLU B 197 0.52 -28.07 -37.14
N THR B 198 -0.74 -28.28 -36.73
CA THR B 198 -1.53 -27.21 -36.16
C THR B 198 -1.06 -26.84 -34.76
N VAL B 199 -1.07 -25.53 -34.48
CA VAL B 199 -0.76 -24.99 -33.17
C VAL B 199 -1.95 -24.16 -32.72
N THR B 200 -2.42 -24.40 -31.50
CA THR B 200 -3.60 -23.76 -30.94
C THR B 200 -3.29 -23.28 -29.53
N CYS B 201 -3.73 -22.08 -29.21
CA CYS B 201 -3.68 -21.65 -27.81
C CYS B 201 -5.05 -21.84 -27.20
N ASN B 202 -5.06 -22.29 -25.94
CA ASN B 202 -6.28 -22.52 -25.20
C ASN B 202 -6.30 -21.53 -24.05
N VAL B 203 -7.39 -20.76 -23.94
CA VAL B 203 -7.47 -19.69 -22.96
C VAL B 203 -8.75 -19.86 -22.15
N ALA B 204 -8.61 -20.08 -20.86
CA ALA B 204 -9.71 -20.14 -19.91
C ALA B 204 -9.75 -18.88 -19.06
N HIS B 205 -10.96 -18.37 -18.82
CA HIS B 205 -11.16 -17.23 -17.93
C HIS B 205 -12.24 -17.62 -16.94
N PRO B 206 -11.85 -18.08 -15.74
CA PRO B 206 -12.86 -18.58 -14.79
C PRO B 206 -13.99 -17.61 -14.50
N ALA B 207 -13.68 -16.31 -14.35
CA ALA B 207 -14.70 -15.38 -13.90
C ALA B 207 -15.86 -15.28 -14.87
N SER B 208 -15.61 -15.47 -16.16
CA SER B 208 -16.65 -15.40 -17.19
C SER B 208 -17.05 -16.80 -17.67
N SER B 209 -16.51 -17.85 -17.04
CA SER B 209 -16.78 -19.24 -17.40
C SER B 209 -16.53 -19.50 -18.89
N THR B 210 -15.48 -18.89 -19.44
CA THR B 210 -15.20 -19.07 -20.86
C THR B 210 -13.91 -19.83 -21.07
N LYS B 211 -13.92 -20.64 -22.15
CA LYS B 211 -12.77 -21.42 -22.58
C LYS B 211 -12.77 -21.38 -24.10
N VAL B 212 -11.72 -20.84 -24.69
CA VAL B 212 -11.67 -20.66 -26.13
C VAL B 212 -10.34 -21.18 -26.66
N ASP B 213 -10.39 -21.68 -27.88
CA ASP B 213 -9.23 -22.15 -28.61
C ASP B 213 -9.06 -21.29 -29.86
N LYS B 214 -7.82 -20.94 -30.17
CA LYS B 214 -7.52 -20.17 -31.36
C LYS B 214 -6.37 -20.83 -32.10
N LYS B 215 -6.64 -21.26 -33.33
CA LYS B 215 -5.65 -21.88 -34.19
C LYS B 215 -4.77 -20.80 -34.82
N ILE B 216 -3.46 -21.01 -34.81
CA ILE B 216 -2.53 -20.08 -35.44
C ILE B 216 -2.53 -20.34 -36.94
N VAL B 217 -2.87 -19.33 -37.72
CA VAL B 217 -3.07 -19.46 -39.16
C VAL B 217 -2.07 -18.58 -39.89
N PRO B 218 -1.29 -19.11 -40.83
CA PRO B 218 -0.26 -18.30 -41.49
C PRO B 218 -0.85 -17.14 -42.28
N ARG B 219 -0.02 -16.09 -42.44
CA ARG B 219 -0.38 -14.99 -43.30
C ARG B 219 -0.49 -15.48 -44.75
N ASP B 220 -1.41 -14.89 -45.53
CA ASP B 220 -1.49 -15.23 -46.94
C ASP B 220 -0.55 -14.31 -47.71
N CYS B 221 0.42 -14.92 -48.39
CA CYS B 221 1.46 -14.18 -49.11
C CYS B 221 1.42 -14.52 -50.60
N ASP C 1 2.62 35.35 -12.02
CA ASP C 1 1.75 34.20 -11.79
C ASP C 1 0.35 34.65 -11.37
N VAL C 2 -0.63 33.77 -11.52
CA VAL C 2 -1.99 34.07 -11.10
C VAL C 2 -2.07 33.97 -9.58
N VAL C 3 -2.66 34.97 -8.93
CA VAL C 3 -2.91 34.92 -7.50
C VAL C 3 -4.38 34.58 -7.29
N MET C 4 -4.63 33.56 -6.47
CA MET C 4 -5.97 33.12 -6.09
C MET C 4 -6.21 33.66 -4.68
N THR C 5 -7.16 34.58 -4.54
CA THR C 5 -7.48 35.20 -3.26
C THR C 5 -8.72 34.53 -2.70
N GLN C 6 -8.54 33.70 -1.68
CA GLN C 6 -9.61 32.90 -1.11
C GLN C 6 -10.03 33.48 0.23
N THR C 7 -11.34 33.55 0.45
CA THR C 7 -11.91 34.04 1.70
C THR C 7 -13.15 33.22 2.02
N PRO C 8 -13.52 33.11 3.31
CA PRO C 8 -12.82 33.58 4.51
C PRO C 8 -11.76 32.59 4.99
N LEU C 9 -10.97 32.96 6.00
CA LEU C 9 -9.98 32.04 6.55
C LEU C 9 -10.67 30.83 7.19
N THR C 10 -11.69 31.06 7.99
CA THR C 10 -12.47 30.01 8.60
C THR C 10 -13.95 30.34 8.47
N LEU C 11 -14.77 29.30 8.55
CA LEU C 11 -16.22 29.43 8.47
C LEU C 11 -16.85 28.44 9.44
N SER C 12 -17.66 28.93 10.37
N SER C 12 -17.64 28.95 10.38
CA SER C 12 -18.31 28.09 11.36
CA SER C 12 -18.32 28.14 11.38
C SER C 12 -19.80 28.10 11.09
C SER C 12 -19.81 28.11 11.06
N VAL C 13 -20.36 26.92 10.81
CA VAL C 13 -21.71 26.78 10.30
C VAL C 13 -22.49 25.76 11.11
N THR C 14 -23.74 26.09 11.43
CA THR C 14 -24.65 25.15 12.05
C THR C 14 -25.08 24.08 11.05
N ILE C 15 -25.21 22.84 11.53
CA ILE C 15 -25.65 21.75 10.66
C ILE C 15 -26.99 22.10 10.05
N GLY C 16 -27.08 22.02 8.73
CA GLY C 16 -28.28 22.36 7.99
C GLY C 16 -28.28 23.75 7.40
N GLN C 17 -27.32 24.58 7.79
CA GLN C 17 -27.22 25.94 7.28
C GLN C 17 -26.26 25.97 6.10
N PRO C 18 -26.36 26.99 5.26
CA PRO C 18 -25.50 27.07 4.08
C PRO C 18 -24.11 27.63 4.41
N ALA C 19 -23.17 27.28 3.54
CA ALA C 19 -21.82 27.80 3.59
C ALA C 19 -21.48 28.30 2.20
N SER C 20 -20.68 29.37 2.16
N SER C 20 -20.69 29.38 2.16
CA SER C 20 -20.20 29.94 0.90
CA SER C 20 -20.20 29.91 0.90
C SER C 20 -18.72 30.25 1.03
C SER C 20 -18.73 30.23 1.05
N ILE C 21 -17.92 29.74 0.10
CA ILE C 21 -16.47 29.96 0.09
C ILE C 21 -16.15 30.66 -1.22
N SER C 22 -15.31 31.69 -1.16
N SER C 22 -15.31 31.69 -1.14
CA SER C 22 -15.09 32.54 -2.32
CA SER C 22 -15.05 32.60 -2.26
C SER C 22 -13.62 32.51 -2.72
C SER C 22 -13.60 32.48 -2.71
N CYS C 23 -13.39 32.59 -4.03
CA CYS C 23 -12.05 32.58 -4.60
C CYS C 23 -12.03 33.53 -5.78
N LYS C 24 -11.15 34.54 -5.75
CA LYS C 24 -11.00 35.46 -6.87
C LYS C 24 -9.62 35.31 -7.49
N SER C 25 -9.56 35.25 -8.82
CA SER C 25 -8.30 35.13 -9.52
C SER C 25 -7.86 36.48 -10.06
N SER C 26 -6.54 36.67 -10.13
CA SER C 26 -5.96 37.93 -10.59
C SER C 26 -5.94 38.06 -12.11
N GLN C 27 -6.26 36.98 -12.83
CA GLN C 27 -6.40 36.95 -14.28
C GLN C 27 -7.56 36.02 -14.62
N SER C 28 -8.13 36.22 -15.82
CA SER C 28 -9.17 35.31 -16.28
C SER C 28 -8.66 33.88 -16.26
N LEU C 29 -9.55 32.95 -15.91
CA LEU C 29 -9.23 31.53 -15.94
C LEU C 29 -9.83 30.83 -17.15
N LEU C 30 -10.42 31.58 -18.08
CA LEU C 30 -10.81 31.02 -19.36
C LEU C 30 -9.56 30.66 -20.15
N TYR C 31 -9.43 29.39 -20.53
CA TYR C 31 -8.29 28.91 -21.30
C TYR C 31 -8.57 28.99 -22.80
N SER C 32 -7.50 28.77 -23.59
CA SER C 32 -7.56 28.87 -25.05
C SER C 32 -8.51 27.86 -25.67
N ASP C 33 -9.05 26.91 -24.91
CA ASP C 33 -10.03 25.96 -25.46
C ASP C 33 -11.46 26.30 -25.08
N GLY C 34 -11.69 27.46 -24.47
CA GLY C 34 -13.02 27.83 -24.04
C GLY C 34 -13.46 27.27 -22.71
N LYS C 35 -12.64 26.46 -22.05
CA LYS C 35 -12.99 25.94 -20.73
C LYS C 35 -12.26 26.73 -19.65
N THR C 36 -12.83 26.68 -18.43
CA THR C 36 -12.32 27.45 -17.30
C THR C 36 -11.88 26.46 -16.22
N TYR C 37 -10.57 26.38 -16.00
CA TYR C 37 -9.99 25.31 -15.19
C TYR C 37 -9.84 25.77 -13.75
N LEU C 38 -10.98 25.83 -13.06
CA LEU C 38 -11.06 26.19 -11.66
C LEU C 38 -11.60 24.98 -10.90
N ASN C 39 -10.80 24.46 -9.98
N ASN C 39 -10.83 24.51 -9.93
CA ASN C 39 -11.17 23.31 -9.17
CA ASN C 39 -11.15 23.32 -9.16
C ASN C 39 -11.33 23.69 -7.70
C ASN C 39 -11.27 23.64 -7.69
N TRP C 40 -12.12 22.90 -7.00
CA TRP C 40 -12.25 22.99 -5.55
C TRP C 40 -11.81 21.67 -4.95
N LEU C 41 -10.89 21.75 -3.99
CA LEU C 41 -10.40 20.61 -3.23
C LEU C 41 -10.89 20.67 -1.79
N LEU C 42 -11.01 19.50 -1.17
CA LEU C 42 -11.29 19.39 0.25
C LEU C 42 -10.24 18.47 0.85
N GLN C 43 -9.59 18.95 1.92
CA GLN C 43 -8.66 18.14 2.71
C GLN C 43 -9.27 17.89 4.09
N ARG C 44 -9.77 16.67 4.29
CA ARG C 44 -10.32 16.28 5.58
C ARG C 44 -9.20 16.01 6.58
N PRO C 45 -9.50 16.06 7.88
CA PRO C 45 -8.44 15.84 8.87
C PRO C 45 -7.69 14.53 8.65
N GLY C 46 -6.36 14.63 8.60
CA GLY C 46 -5.51 13.48 8.45
C GLY C 46 -5.35 12.95 7.06
N GLN C 47 -6.02 13.54 6.07
CA GLN C 47 -6.09 12.98 4.72
C GLN C 47 -5.38 13.89 3.73
N SER C 48 -5.12 13.33 2.55
N SER C 48 -5.11 13.33 2.55
CA SER C 48 -4.63 14.13 1.44
CA SER C 48 -4.62 14.11 1.43
C SER C 48 -5.78 14.97 0.87
C SER C 48 -5.77 14.93 0.83
N PRO C 49 -5.45 16.04 0.15
CA PRO C 49 -6.51 16.78 -0.56
C PRO C 49 -7.20 15.88 -1.55
N MET C 50 -8.47 16.16 -1.81
CA MET C 50 -9.21 15.43 -2.83
C MET C 50 -10.11 16.41 -3.57
N ARG C 51 -10.19 16.24 -4.89
N ARG C 51 -10.21 16.20 -4.89
CA ARG C 51 -10.97 17.19 -5.68
CA ARG C 51 -11.00 17.08 -5.74
C ARG C 51 -12.45 16.89 -5.58
C ARG C 51 -12.49 16.84 -5.54
N LEU C 52 -13.24 17.94 -5.35
CA LEU C 52 -14.70 17.87 -5.29
C LEU C 52 -15.36 18.41 -6.54
N ILE C 53 -14.80 19.47 -7.10
CA ILE C 53 -15.41 20.19 -8.22
C ILE C 53 -14.31 20.52 -9.23
N TYR C 54 -14.62 20.36 -10.52
CA TYR C 54 -13.71 20.72 -11.59
C TYR C 54 -14.49 21.53 -12.62
N LEU C 55 -13.75 22.24 -13.48
CA LEU C 55 -14.36 23.07 -14.53
C LEU C 55 -15.47 23.95 -13.97
N VAL C 56 -15.17 24.57 -12.82
CA VAL C 56 -15.98 25.57 -12.12
C VAL C 56 -17.15 24.93 -11.38
N SER C 57 -17.89 24.05 -12.07
CA SER C 57 -19.19 23.63 -11.57
C SER C 57 -19.47 22.14 -11.68
N LYS C 58 -18.57 21.35 -12.24
CA LYS C 58 -18.83 19.92 -12.41
C LYS C 58 -18.39 19.17 -11.16
N LEU C 59 -19.28 18.31 -10.65
CA LEU C 59 -18.98 17.55 -9.45
C LEU C 59 -18.19 16.29 -9.80
N ASP C 60 -17.16 16.00 -9.02
N ASP C 60 -17.19 16.01 -8.99
CA ASP C 60 -16.52 14.72 -9.14
CA ASP C 60 -16.50 14.73 -9.02
C ASP C 60 -17.44 13.61 -8.67
C ASP C 60 -17.47 13.61 -8.66
N SER C 61 -17.16 12.40 -9.15
CA SER C 61 -17.98 11.23 -8.84
C SER C 61 -18.14 11.04 -7.33
N GLY C 62 -19.39 10.90 -6.88
CA GLY C 62 -19.69 10.60 -5.50
C GLY C 62 -19.83 11.81 -4.60
N VAL C 63 -19.54 13.00 -5.08
CA VAL C 63 -19.65 14.21 -4.25
C VAL C 63 -21.13 14.52 -4.01
N PRO C 64 -21.52 14.93 -2.81
CA PRO C 64 -22.94 15.24 -2.56
C PRO C 64 -23.44 16.39 -3.41
N ASP C 65 -24.68 16.26 -3.88
CA ASP C 65 -25.32 17.31 -4.67
C ASP C 65 -25.52 18.60 -3.88
N ARG C 66 -25.35 18.56 -2.56
CA ARG C 66 -25.38 19.78 -1.75
C ARG C 66 -24.27 20.74 -2.13
N PHE C 67 -23.22 20.27 -2.80
CA PHE C 67 -22.12 21.11 -3.24
C PHE C 67 -22.40 21.66 -4.64
N THR C 68 -22.25 22.97 -4.79
CA THR C 68 -22.36 23.58 -6.10
C THR C 68 -21.24 24.61 -6.28
N GLY C 69 -20.64 24.61 -7.45
CA GLY C 69 -19.61 25.58 -7.78
C GLY C 69 -20.17 26.52 -8.84
N SER C 70 -19.80 27.79 -8.76
CA SER C 70 -20.26 28.75 -9.75
C SER C 70 -19.13 29.72 -10.05
N GLY C 71 -19.32 30.52 -11.09
CA GLY C 71 -18.34 31.55 -11.39
C GLY C 71 -18.12 31.65 -12.89
N SER C 72 -17.49 32.74 -13.29
CA SER C 72 -17.28 33.01 -14.71
C SER C 72 -15.82 33.32 -15.00
N GLY C 73 -15.46 34.60 -14.91
CA GLY C 73 -14.14 35.02 -15.33
C GLY C 73 -13.12 34.96 -14.22
N THR C 74 -13.30 35.80 -13.20
CA THR C 74 -12.39 35.84 -12.07
C THR C 74 -13.04 35.65 -10.71
N ASP C 75 -14.37 35.63 -10.60
CA ASP C 75 -15.04 35.42 -9.32
C ASP C 75 -15.62 34.01 -9.27
N PHE C 76 -15.19 33.22 -8.26
CA PHE C 76 -15.68 31.85 -8.14
C PHE C 76 -16.19 31.59 -6.73
N THR C 77 -17.21 30.74 -6.66
CA THR C 77 -17.82 30.45 -5.37
C THR C 77 -18.16 28.98 -5.24
N LEU C 78 -17.82 28.39 -4.11
N LEU C 78 -17.78 28.38 -4.12
CA LEU C 78 -18.29 27.07 -3.72
CA LEU C 78 -18.30 27.08 -3.70
C LEU C 78 -19.38 27.25 -2.66
C LEU C 78 -19.41 27.31 -2.70
N LYS C 79 -20.55 26.67 -2.90
CA LYS C 79 -21.66 26.75 -1.97
C LYS C 79 -22.06 25.36 -1.50
N ILE C 80 -22.28 25.21 -0.19
CA ILE C 80 -22.89 24.02 0.38
C ILE C 80 -24.28 24.40 0.84
N SER C 81 -25.30 23.73 0.30
CA SER C 81 -26.68 24.15 0.56
C SER C 81 -27.05 23.93 2.02
N ARG C 82 -26.78 22.73 2.53
N ARG C 82 -26.66 22.79 2.60
CA ARG C 82 -27.06 22.33 3.90
CA ARG C 82 -27.11 22.37 3.94
C ARG C 82 -25.78 21.66 4.38
C ARG C 82 -25.96 21.58 4.59
N VAL C 83 -25.10 22.29 5.33
CA VAL C 83 -23.87 21.69 5.85
C VAL C 83 -24.17 20.46 6.70
N GLU C 84 -23.34 19.43 6.51
CA GLU C 84 -23.34 18.21 7.30
C GLU C 84 -21.97 18.03 7.95
N ALA C 85 -21.97 17.29 9.06
CA ALA C 85 -20.73 17.08 9.81
C ALA C 85 -19.61 16.53 8.93
N GLU C 86 -19.92 15.63 7.98
CA GLU C 86 -18.85 15.03 7.19
C GLU C 86 -18.19 16.04 6.25
N ASP C 87 -18.73 17.25 6.12
CA ASP C 87 -18.17 18.27 5.25
C ASP C 87 -16.95 18.98 5.83
N LEU C 88 -16.61 18.75 7.10
CA LEU C 88 -15.62 19.61 7.73
C LEU C 88 -14.23 19.32 7.16
N GLY C 89 -13.36 20.31 7.26
CA GLY C 89 -12.01 20.24 6.75
C GLY C 89 -11.62 21.55 6.10
N VAL C 90 -10.55 21.53 5.31
CA VAL C 90 -10.05 22.73 4.66
C VAL C 90 -10.30 22.63 3.16
N TYR C 91 -10.96 23.64 2.61
CA TYR C 91 -11.31 23.75 1.20
C TYR C 91 -10.29 24.65 0.53
N TYR C 92 -9.84 24.26 -0.66
CA TYR C 92 -8.93 25.07 -1.45
C TYR C 92 -9.46 25.21 -2.86
N CYS C 93 -9.39 26.41 -3.41
CA CYS C 93 -9.51 26.58 -4.85
C CYS C 93 -8.12 26.44 -5.49
N VAL C 94 -8.11 25.98 -6.75
CA VAL C 94 -6.86 25.88 -7.49
C VAL C 94 -7.14 26.05 -8.98
N GLN C 95 -6.30 26.84 -9.64
CA GLN C 95 -6.46 27.14 -11.06
C GLN C 95 -5.44 26.35 -11.87
N GLY C 96 -5.91 25.78 -12.97
CA GLY C 96 -5.02 25.07 -13.88
C GLY C 96 -4.94 25.70 -15.25
N THR C 97 -5.45 26.92 -15.41
CA THR C 97 -5.45 27.58 -16.71
C THR C 97 -4.08 28.11 -17.08
N HIS C 98 -3.35 28.65 -16.11
CA HIS C 98 -2.08 29.32 -16.33
C HIS C 98 -0.96 28.61 -15.56
N PHE C 99 0.17 28.37 -16.25
CA PHE C 99 1.34 27.88 -15.53
C PHE C 99 2.05 29.05 -14.86
N PRO C 100 2.49 28.90 -13.59
CA PRO C 100 2.27 27.70 -12.77
C PRO C 100 0.86 27.65 -12.18
N PHE C 101 0.32 26.44 -12.05
CA PHE C 101 -0.92 26.26 -11.32
C PHE C 101 -0.77 26.84 -9.91
N THR C 102 -1.83 27.51 -9.42
CA THR C 102 -1.73 28.16 -8.12
C THR C 102 -3.00 27.92 -7.31
N PHE C 103 -2.82 27.91 -5.99
CA PHE C 103 -3.85 27.54 -5.03
C PHE C 103 -4.29 28.76 -4.23
N GLY C 104 -5.57 28.81 -3.87
CA GLY C 104 -5.98 29.67 -2.78
C GLY C 104 -5.41 29.19 -1.45
N SER C 105 -5.42 30.07 -0.46
CA SER C 105 -4.78 29.79 0.82
C SER C 105 -5.64 28.94 1.75
N GLY C 106 -6.88 28.64 1.38
CA GLY C 106 -7.64 27.67 2.14
C GLY C 106 -8.67 28.29 3.08
N THR C 107 -9.79 27.59 3.25
CA THR C 107 -10.87 27.97 4.17
C THR C 107 -11.19 26.75 5.03
N LYS C 108 -11.06 26.89 6.35
CA LYS C 108 -11.39 25.79 7.25
C LYS C 108 -12.87 25.85 7.59
N LEU C 109 -13.61 24.81 7.23
CA LEU C 109 -15.02 24.70 7.59
C LEU C 109 -15.15 24.01 8.94
N GLU C 110 -15.76 24.71 9.90
CA GLU C 110 -15.99 24.25 11.26
C GLU C 110 -17.48 24.10 11.47
N ILE C 111 -17.87 23.05 12.21
CA ILE C 111 -19.28 22.79 12.50
C ILE C 111 -19.64 23.43 13.83
N LYS C 112 -20.77 24.13 13.86
CA LYS C 112 -21.35 24.64 15.10
C LYS C 112 -22.36 23.65 15.63
N ARG C 113 -22.33 23.43 16.95
CA ARG C 113 -23.25 22.48 17.56
C ARG C 113 -23.50 22.90 19.00
N ALA C 114 -24.38 22.17 19.68
CA ALA C 114 -24.68 22.49 21.06
C ALA C 114 -23.49 22.11 21.93
N ASP C 115 -23.34 22.86 23.04
CA ASP C 115 -22.27 22.58 23.99
C ASP C 115 -22.31 21.12 24.46
N ALA C 116 -21.11 20.57 24.68
CA ALA C 116 -20.98 19.20 25.19
C ALA C 116 -19.86 19.19 26.21
N ALA C 117 -20.11 18.55 27.37
CA ALA C 117 -19.07 18.48 28.38
C ALA C 117 -18.04 17.40 28.01
N PRO C 118 -16.77 17.62 28.31
CA PRO C 118 -15.76 16.59 28.02
C PRO C 118 -15.91 15.38 28.93
N THR C 119 -15.55 14.23 28.40
CA THR C 119 -15.22 13.08 29.23
C THR C 119 -13.78 13.25 29.68
N VAL C 120 -13.57 13.43 30.99
CA VAL C 120 -12.25 13.73 31.52
C VAL C 120 -11.65 12.49 32.18
N SER C 121 -10.39 12.20 31.84
CA SER C 121 -9.63 11.09 32.43
C SER C 121 -8.26 11.60 32.84
N ILE C 122 -7.84 11.26 34.06
CA ILE C 122 -6.50 11.62 34.54
C ILE C 122 -5.69 10.35 34.77
N PHE C 123 -4.39 10.44 34.50
CA PHE C 123 -3.49 9.30 34.64
C PHE C 123 -2.22 9.69 35.38
N PRO C 124 -1.84 8.93 36.42
CA PRO C 124 -0.56 9.16 37.09
C PRO C 124 0.60 8.83 36.19
N PRO C 125 1.79 9.34 36.49
CA PRO C 125 3.01 8.84 35.84
C PRO C 125 3.06 7.32 35.93
N SER C 126 3.46 6.68 34.83
CA SER C 126 3.60 5.24 34.83
C SER C 126 4.81 4.83 35.67
N SER C 127 4.76 3.63 36.23
CA SER C 127 5.93 3.16 36.97
C SER C 127 7.15 3.13 36.06
N GLU C 128 6.95 2.77 34.79
N GLU C 128 6.95 2.79 34.78
CA GLU C 128 8.02 2.76 33.82
CA GLU C 128 8.03 2.75 33.82
C GLU C 128 8.70 4.11 33.70
C GLU C 128 8.71 4.11 33.69
N GLN C 129 7.91 5.17 33.53
CA GLN C 129 8.50 6.50 33.41
C GLN C 129 9.21 6.91 34.70
N LEU C 130 8.64 6.56 35.86
CA LEU C 130 9.28 6.99 37.11
C LEU C 130 10.65 6.38 37.27
N THR C 131 10.89 5.20 36.71
CA THR C 131 12.22 4.59 36.82
C THR C 131 13.29 5.44 36.16
N SER C 132 12.92 6.26 35.17
CA SER C 132 13.87 7.09 34.44
C SER C 132 13.98 8.50 35.01
N GLY C 133 13.26 8.82 36.09
CA GLY C 133 13.43 10.10 36.75
C GLY C 133 12.48 11.18 36.29
N GLY C 134 11.55 10.86 35.39
CA GLY C 134 10.57 11.82 34.90
C GLY C 134 9.19 11.46 35.40
N ALA C 135 8.24 12.41 35.34
CA ALA C 135 6.90 12.17 35.86
C ALA C 135 5.93 13.05 35.04
N SER C 136 5.24 12.42 34.11
CA SER C 136 4.23 13.13 33.32
C SER C 136 2.86 12.70 33.80
N VAL C 137 2.02 13.69 34.12
CA VAL C 137 0.64 13.46 34.51
C VAL C 137 -0.23 13.88 33.33
N VAL C 138 -1.06 12.97 32.86
CA VAL C 138 -1.78 13.16 31.60
C VAL C 138 -3.26 13.27 31.91
N CYS C 139 -3.92 14.21 31.24
CA CYS C 139 -5.35 14.37 31.39
C CYS C 139 -5.96 14.45 29.99
N PHE C 140 -6.96 13.62 29.72
CA PHE C 140 -7.70 13.70 28.45
C PHE C 140 -9.02 14.42 28.70
N LEU C 141 -9.34 15.38 27.84
CA LEU C 141 -10.66 16.01 27.79
C LEU C 141 -11.25 15.63 26.43
N ASN C 142 -12.13 14.64 26.42
CA ASN C 142 -12.53 14.03 25.16
C ASN C 142 -13.96 14.38 24.77
N ASN C 143 -14.15 14.68 23.49
CA ASN C 143 -15.48 14.82 22.86
C ASN C 143 -16.30 15.95 23.50
N PHE C 144 -15.75 17.16 23.44
CA PHE C 144 -16.44 18.33 23.97
C PHE C 144 -16.71 19.35 22.87
N TYR C 145 -17.50 20.37 23.23
CA TYR C 145 -17.77 21.50 22.37
C TYR C 145 -18.22 22.65 23.26
N PRO C 146 -17.78 23.90 23.00
CA PRO C 146 -16.93 24.36 21.89
C PRO C 146 -15.44 24.11 22.11
N LYS C 147 -14.63 24.50 21.12
CA LYS C 147 -13.21 24.16 21.12
C LYS C 147 -12.46 24.76 22.30
N ASP C 148 -12.80 26.00 22.71
CA ASP C 148 -11.92 26.79 23.57
C ASP C 148 -12.18 26.55 25.07
N ILE C 149 -12.04 25.30 25.45
CA ILE C 149 -12.18 24.89 26.84
C ILE C 149 -10.92 25.26 27.63
N ASN C 150 -11.08 25.44 28.94
CA ASN C 150 -9.96 25.73 29.83
C ASN C 150 -9.64 24.49 30.63
N VAL C 151 -8.34 24.23 30.82
CA VAL C 151 -7.88 23.16 31.69
C VAL C 151 -6.99 23.77 32.75
N LYS C 152 -7.20 23.38 34.00
CA LYS C 152 -6.46 23.90 35.12
C LYS C 152 -5.92 22.72 35.91
N TRP C 153 -4.65 22.80 36.31
CA TRP C 153 -4.01 21.78 37.14
C TRP C 153 -3.85 22.28 38.57
N LYS C 154 -4.03 21.38 39.54
CA LYS C 154 -3.71 21.65 40.93
C LYS C 154 -2.84 20.53 41.48
N ILE C 155 -1.83 20.92 42.26
CA ILE C 155 -1.00 19.99 43.01
C ILE C 155 -1.16 20.33 44.48
N ASP C 156 -1.56 19.35 45.29
CA ASP C 156 -1.77 19.57 46.73
C ASP C 156 -2.74 20.75 46.95
N GLY C 157 -3.68 20.88 46.03
CA GLY C 157 -4.71 21.90 46.13
C GLY C 157 -4.30 23.29 45.66
N SER C 158 -3.09 23.45 45.13
CA SER C 158 -2.60 24.74 44.64
C SER C 158 -2.50 24.73 43.13
N GLU C 159 -2.97 25.80 42.49
CA GLU C 159 -2.89 25.90 41.04
C GLU C 159 -1.44 25.78 40.56
N ARG C 160 -1.24 24.99 39.50
CA ARG C 160 0.06 24.80 38.88
C ARG C 160 -0.04 25.21 37.42
N GLN C 161 0.79 26.18 37.03
CA GLN C 161 0.77 26.69 35.66
C GLN C 161 1.95 26.24 34.82
N ASN C 162 3.14 26.12 35.42
CA ASN C 162 4.33 25.79 34.65
C ASN C 162 4.43 24.29 34.41
N GLY C 163 4.97 23.92 33.24
CA GLY C 163 5.18 22.54 32.88
C GLY C 163 4.01 21.87 32.19
N VAL C 164 3.01 22.64 31.75
CA VAL C 164 1.80 22.11 31.13
C VAL C 164 1.87 22.32 29.63
N LEU C 165 1.58 21.25 28.88
CA LEU C 165 1.52 21.32 27.43
C LEU C 165 0.17 20.77 26.99
N ASN C 166 -0.51 21.50 26.10
CA ASN C 166 -1.85 21.16 25.64
C ASN C 166 -1.85 20.88 24.15
N SER C 167 -2.71 19.96 23.71
CA SER C 167 -2.80 19.65 22.28
C SER C 167 -4.24 19.30 21.91
N TRP C 168 -4.81 20.00 20.93
CA TRP C 168 -6.17 19.76 20.45
C TRP C 168 -6.18 18.91 19.18
N THR C 169 -7.13 17.98 19.10
CA THR C 169 -7.41 17.31 17.84
C THR C 169 -8.13 18.24 16.86
N ASP C 170 -8.14 17.85 15.60
CA ASP C 170 -9.08 18.44 14.65
C ASP C 170 -10.52 18.08 15.03
N GLN C 171 -11.48 18.78 14.44
CA GLN C 171 -12.87 18.48 14.76
C GLN C 171 -13.25 17.08 14.26
N ASP C 172 -14.12 16.42 15.04
CA ASP C 172 -14.57 15.06 14.79
C ASP C 172 -15.69 15.11 13.76
N SER C 173 -15.53 14.38 12.66
CA SER C 173 -16.51 14.50 11.59
C SER C 173 -17.78 13.69 11.84
N LYS C 174 -17.85 12.95 12.94
CA LYS C 174 -19.06 12.22 13.30
C LYS C 174 -19.94 13.00 14.27
N ASP C 175 -19.38 13.44 15.41
CA ASP C 175 -20.19 14.18 16.39
C ASP C 175 -19.81 15.66 16.51
N SER C 176 -18.97 16.16 15.61
CA SER C 176 -18.59 17.56 15.55
C SER C 176 -17.95 18.07 16.85
N THR C 177 -17.40 17.17 17.66
CA THR C 177 -16.70 17.58 18.88
C THR C 177 -15.21 17.76 18.66
N TYR C 178 -14.56 18.25 19.71
CA TYR C 178 -13.12 18.33 19.82
C TYR C 178 -12.66 17.48 21.00
N SER C 179 -11.38 17.13 20.98
CA SER C 179 -10.75 16.53 22.13
C SER C 179 -9.41 17.21 22.34
N MET C 180 -8.89 17.13 23.57
CA MET C 180 -7.58 17.71 23.83
C MET C 180 -6.91 16.95 24.96
N SER C 181 -5.58 16.92 24.87
N SER C 181 -5.58 16.99 24.93
CA SER C 181 -4.75 16.38 25.93
CA SER C 181 -4.74 16.32 25.93
C SER C 181 -4.08 17.53 26.65
C SER C 181 -3.87 17.35 26.62
N SER C 182 -3.93 17.37 27.96
CA SER C 182 -3.14 18.29 28.76
C SER C 182 -2.17 17.44 29.58
N THR C 183 -0.88 17.74 29.45
CA THR C 183 0.15 16.94 30.11
C THR C 183 0.99 17.85 30.99
N LEU C 184 1.00 17.53 32.29
CA LEU C 184 1.85 18.20 33.27
C LEU C 184 3.10 17.34 33.49
N THR C 185 4.27 17.86 33.10
CA THR C 185 5.52 17.15 33.26
C THR C 185 6.34 17.76 34.39
N LEU C 186 6.71 16.91 35.35
CA LEU C 186 7.50 17.24 36.53
C LEU C 186 8.69 16.31 36.58
N THR C 187 9.66 16.63 37.43
CA THR C 187 10.66 15.62 37.76
C THR C 187 10.04 14.60 38.72
N LYS C 188 10.58 13.39 38.70
CA LYS C 188 10.16 12.39 39.67
C LYS C 188 10.33 12.92 41.09
N ASP C 189 11.43 13.62 41.37
CA ASP C 189 11.66 14.12 42.72
C ASP C 189 10.56 15.10 43.15
N GLU C 190 10.16 16.02 42.27
CA GLU C 190 9.07 16.92 42.66
C GLU C 190 7.74 16.19 42.78
N TYR C 191 7.48 15.26 41.86
CA TYR C 191 6.26 14.46 41.93
C TYR C 191 6.14 13.72 43.26
N GLU C 192 7.26 13.20 43.77
CA GLU C 192 7.24 12.43 45.01
C GLU C 192 7.14 13.32 46.25
N ARG C 193 7.24 14.62 46.09
CA ARG C 193 7.11 15.55 47.22
C ARG C 193 5.69 16.04 47.43
N HIS C 194 4.75 15.64 46.57
CA HIS C 194 3.38 16.08 46.69
C HIS C 194 2.48 14.87 46.53
N ASN C 195 1.21 15.03 46.88
CA ASN C 195 0.33 13.86 46.88
C ASN C 195 -0.85 13.98 45.94
N SER C 196 -1.60 15.07 46.00
CA SER C 196 -2.83 15.15 45.23
C SER C 196 -2.60 15.88 43.91
N TYR C 197 -3.19 15.34 42.84
CA TYR C 197 -3.02 15.87 41.50
C TYR C 197 -4.41 15.95 40.89
N THR C 198 -4.78 17.14 40.40
CA THR C 198 -6.12 17.40 39.92
C THR C 198 -6.10 18.07 38.55
N CYS C 199 -6.93 17.54 37.65
CA CYS C 199 -7.19 18.13 36.34
C CYS C 199 -8.63 18.64 36.34
N GLU C 200 -8.83 19.90 35.96
CA GLU C 200 -10.16 20.50 35.97
C GLU C 200 -10.44 21.08 34.59
N ALA C 201 -11.61 20.77 34.04
CA ALA C 201 -12.06 21.29 32.75
C ALA C 201 -13.25 22.22 32.94
N THR C 202 -13.16 23.41 32.36
N THR C 202 -13.16 23.43 32.42
CA THR C 202 -14.23 24.40 32.47
CA THR C 202 -14.33 24.30 32.47
C THR C 202 -14.48 25.02 31.11
C THR C 202 -14.50 25.02 31.14
N HIS C 203 -15.75 25.07 30.69
CA HIS C 203 -16.12 25.90 29.54
C HIS C 203 -15.79 27.35 29.86
N LYS C 204 -15.43 28.13 28.85
CA LYS C 204 -15.15 29.54 29.10
C LYS C 204 -16.36 30.23 29.70
N THR C 205 -17.56 29.88 29.24
CA THR C 205 -18.79 30.42 29.82
C THR C 205 -19.33 29.48 30.91
N SER C 206 -18.47 29.21 31.90
CA SER C 206 -18.88 28.35 33.01
C SER C 206 -17.93 28.56 34.19
N THR C 207 -18.49 28.39 35.39
CA THR C 207 -17.72 28.34 36.62
C THR C 207 -17.88 26.98 37.32
N SER C 208 -18.50 26.00 36.65
CA SER C 208 -18.66 24.65 37.20
C SER C 208 -17.73 23.69 36.48
N PRO C 209 -16.62 23.30 37.09
CA PRO C 209 -15.68 22.41 36.41
C PRO C 209 -16.15 20.96 36.42
N ILE C 210 -15.53 20.18 35.55
CA ILE C 210 -15.43 18.73 35.72
C ILE C 210 -14.04 18.45 36.27
N VAL C 211 -13.97 17.72 37.39
CA VAL C 211 -12.75 17.53 38.15
C VAL C 211 -12.40 16.06 38.10
N LYS C 212 -11.13 15.76 37.86
CA LYS C 212 -10.60 14.42 38.02
C LYS C 212 -9.30 14.51 38.80
N SER C 213 -9.13 13.62 39.77
N SER C 213 -9.12 13.60 39.75
CA SER C 213 -7.98 13.67 40.66
CA SER C 213 -7.93 13.67 40.58
C SER C 213 -7.47 12.27 40.98
C SER C 213 -7.45 12.27 40.92
N PHE C 214 -6.23 12.21 41.44
CA PHE C 214 -5.70 11.01 42.09
C PHE C 214 -4.74 11.43 43.19
N ASN C 215 -4.44 10.47 44.05
CA ASN C 215 -3.46 10.63 45.12
C ASN C 215 -2.29 9.70 44.85
N ARG C 216 -1.08 10.23 44.91
CA ARG C 216 0.10 9.40 44.69
C ARG C 216 0.20 8.27 45.72
N ASN C 217 -0.14 8.57 46.98
CA ASN C 217 -0.06 7.61 48.08
C ASN C 217 -1.27 6.69 48.19
N GLU C 218 -1.83 6.25 47.07
CA GLU C 218 -3.00 5.39 47.02
C GLU C 218 -4.25 6.17 47.39
N CYS C 219 -4.99 6.63 46.38
CA CYS C 219 -6.23 7.37 46.59
C CYS C 219 -7.12 6.63 47.58
N GLU D 1 -8.65 -0.47 -7.98
CA GLU D 1 -8.63 0.96 -7.69
C GLU D 1 -7.26 1.55 -7.96
N VAL D 2 -7.24 2.84 -8.32
CA VAL D 2 -5.99 3.55 -8.48
C VAL D 2 -5.38 3.81 -7.11
N GLN D 3 -4.08 3.56 -6.99
CA GLN D 3 -3.32 3.91 -5.79
C GLN D 3 -2.00 4.55 -6.20
N LEU D 4 -1.61 5.57 -5.43
CA LEU D 4 -0.30 6.21 -5.54
C LEU D 4 0.38 6.03 -4.19
N GLN D 5 1.40 5.18 -4.13
CA GLN D 5 2.07 4.84 -2.87
C GLN D 5 3.43 5.53 -2.84
N GLN D 6 3.58 6.45 -1.90
CA GLN D 6 4.78 7.26 -1.81
C GLN D 6 5.78 6.68 -0.81
N SER D 7 7.04 7.07 -0.99
CA SER D 7 8.12 6.83 -0.03
C SER D 7 7.70 7.24 1.38
N GLY D 8 8.22 6.54 2.38
CA GLY D 8 8.00 6.91 3.76
C GLY D 8 8.69 8.22 4.12
N PRO D 9 8.41 8.71 5.34
CA PRO D 9 8.99 9.98 5.77
C PRO D 9 10.50 9.93 5.82
N GLU D 10 11.13 11.09 5.64
CA GLU D 10 12.59 11.12 5.60
C GLU D 10 13.15 12.31 6.37
N LEU D 11 14.28 12.07 7.03
CA LEU D 11 15.05 13.12 7.66
C LEU D 11 16.27 13.40 6.79
N VAL D 12 16.45 14.65 6.38
CA VAL D 12 17.48 15.06 5.43
C VAL D 12 18.34 16.13 6.08
N LYS D 13 19.68 15.99 5.97
CA LYS D 13 20.53 17.02 6.53
C LYS D 13 20.53 18.27 5.65
N PRO D 14 20.66 19.45 6.24
CA PRO D 14 20.78 20.68 5.44
C PRO D 14 21.90 20.56 4.43
N GLY D 15 21.62 20.96 3.20
CA GLY D 15 22.59 20.91 2.12
C GLY D 15 22.57 19.64 1.31
N ALA D 16 21.97 18.56 1.82
CA ALA D 16 21.93 17.29 1.10
C ALA D 16 20.71 17.23 0.18
N SER D 17 20.63 16.11 -0.54
CA SER D 17 19.57 15.87 -1.51
C SER D 17 18.89 14.55 -1.19
N MET D 18 17.67 14.37 -1.70
N MET D 18 17.67 14.39 -1.69
CA MET D 18 16.95 13.14 -1.44
CA MET D 18 16.94 13.16 -1.47
C MET D 18 15.84 12.96 -2.46
C MET D 18 16.05 12.92 -2.68
N LYS D 19 15.52 11.70 -2.76
CA LYS D 19 14.57 11.31 -3.78
C LYS D 19 13.32 10.76 -3.12
N ILE D 20 12.15 11.18 -3.62
CA ILE D 20 10.86 10.68 -3.19
C ILE D 20 10.28 9.83 -4.32
N SER D 21 9.74 8.66 -3.97
CA SER D 21 9.16 7.78 -4.98
C SER D 21 7.64 7.77 -4.88
N CYS D 22 7.00 7.48 -6.01
CA CYS D 22 5.54 7.49 -6.12
C CYS D 22 5.16 6.31 -7.01
N LYS D 23 4.79 5.20 -6.39
CA LYS D 23 4.52 3.96 -7.12
C LYS D 23 3.05 3.91 -7.51
N ALA D 24 2.79 3.86 -8.81
CA ALA D 24 1.42 3.88 -9.34
C ALA D 24 0.88 2.47 -9.55
N SER D 25 -0.40 2.28 -9.26
CA SER D 25 -1.04 0.98 -9.50
C SER D 25 -2.52 1.18 -9.78
N GLY D 26 -3.10 0.22 -10.49
CA GLY D 26 -4.53 0.25 -10.76
C GLY D 26 -4.94 0.99 -12.01
N TYR D 27 -3.98 1.42 -12.82
CA TYR D 27 -4.22 2.07 -14.10
C TYR D 27 -2.93 1.97 -14.89
N SER D 28 -2.99 2.40 -16.15
CA SER D 28 -1.83 2.39 -17.03
C SER D 28 -0.97 3.62 -16.77
N PHE D 29 0.22 3.40 -16.21
CA PHE D 29 1.12 4.47 -15.76
C PHE D 29 1.40 5.49 -16.85
N THR D 30 1.71 5.04 -18.07
CA THR D 30 2.08 5.95 -19.15
C THR D 30 0.89 6.65 -19.78
N GLY D 31 -0.33 6.36 -19.34
CA GLY D 31 -1.49 7.07 -19.88
C GLY D 31 -1.79 8.42 -19.27
N TYR D 32 -1.09 8.82 -18.20
CA TYR D 32 -1.48 10.00 -17.43
C TYR D 32 -0.25 10.74 -16.93
N THR D 33 -0.28 12.07 -17.00
CA THR D 33 0.80 12.84 -16.40
C THR D 33 0.69 12.79 -14.88
N MET D 34 1.84 12.96 -14.23
CA MET D 34 1.95 12.99 -12.78
C MET D 34 2.38 14.40 -12.38
N ASN D 35 1.72 14.94 -11.37
CA ASN D 35 2.07 16.26 -10.85
C ASN D 35 2.61 16.10 -9.44
N TRP D 36 3.39 17.07 -8.99
CA TRP D 36 3.91 17.06 -7.64
C TRP D 36 3.57 18.37 -6.96
N VAL D 37 3.27 18.30 -5.66
CA VAL D 37 2.73 19.41 -4.88
C VAL D 37 3.43 19.45 -3.52
N LYS D 38 3.72 20.65 -3.03
CA LYS D 38 4.30 20.88 -1.71
C LYS D 38 3.24 21.49 -0.79
N GLN D 39 3.14 20.96 0.42
CA GLN D 39 2.26 21.54 1.44
C GLN D 39 3.10 21.89 2.66
N SER D 40 3.16 23.19 2.98
CA SER D 40 3.99 23.69 4.07
C SER D 40 3.13 23.87 5.32
N HIS D 41 3.56 23.25 6.42
CA HIS D 41 2.97 23.45 7.75
C HIS D 41 1.48 23.11 7.76
N GLY D 42 1.09 22.10 6.99
CA GLY D 42 -0.31 21.72 6.91
C GLY D 42 -1.22 22.81 6.41
N LYS D 43 -0.65 23.86 5.81
CA LYS D 43 -1.44 24.97 5.32
C LYS D 43 -1.29 25.11 3.82
N ASN D 44 -0.33 25.93 3.37
CA ASN D 44 -0.35 26.41 1.99
C ASN D 44 0.17 25.36 1.01
N LEU D 45 -0.51 25.27 -0.13
CA LEU D 45 -0.20 24.32 -1.19
C LEU D 45 0.44 25.05 -2.36
N GLU D 46 1.48 24.43 -2.93
CA GLU D 46 2.18 24.96 -4.09
C GLU D 46 2.41 23.83 -5.08
N TRP D 47 2.24 24.15 -6.36
CA TRP D 47 2.49 23.21 -7.44
C TRP D 47 3.96 23.26 -7.82
N ILE D 48 4.60 22.08 -7.90
CA ILE D 48 6.03 22.00 -8.18
C ILE D 48 6.29 21.82 -9.67
N GLY D 49 5.61 20.88 -10.30
CA GLY D 49 5.85 20.59 -11.70
C GLY D 49 5.10 19.33 -12.09
N LEU D 50 5.27 18.94 -13.35
CA LEU D 50 4.61 17.75 -13.86
C LEU D 50 5.56 17.01 -14.77
N ILE D 51 5.24 15.74 -15.03
CA ILE D 51 6.00 14.93 -15.98
C ILE D 51 5.03 14.05 -16.76
N ASN D 52 5.31 13.89 -18.05
CA ASN D 52 4.62 12.93 -18.90
C ASN D 52 5.40 11.63 -18.94
N PRO D 53 4.92 10.55 -18.34
CA PRO D 53 5.75 9.34 -18.24
C PRO D 53 6.11 8.72 -19.58
N TYR D 54 5.25 8.79 -20.59
CA TYR D 54 5.56 8.03 -21.79
C TYR D 54 6.70 8.65 -22.59
N ASN D 55 6.96 9.95 -22.46
CA ASN D 55 8.10 10.54 -23.16
C ASN D 55 9.01 11.37 -22.26
N GLY D 56 8.79 11.36 -20.94
CA GLY D 56 9.68 12.04 -20.00
C GLY D 56 9.69 13.55 -20.06
N VAL D 57 8.78 14.16 -20.81
CA VAL D 57 8.73 15.62 -20.88
C VAL D 57 8.24 16.18 -19.55
N THR D 58 8.86 17.28 -19.11
CA THR D 58 8.55 17.90 -17.84
C THR D 58 8.18 19.37 -18.03
N ARG D 59 7.51 19.92 -17.01
CA ARG D 59 7.34 21.35 -16.92
C ARG D 59 7.32 21.72 -15.46
N TYR D 60 8.05 22.78 -15.10
CA TYR D 60 8.26 23.14 -13.70
C TYR D 60 7.71 24.53 -13.39
N ASN D 61 7.22 24.68 -12.16
CA ASN D 61 7.12 26.00 -11.54
C ASN D 61 8.51 26.60 -11.42
N GLN D 62 8.74 27.78 -12.01
CA GLN D 62 10.10 28.30 -11.97
C GLN D 62 10.59 28.53 -10.55
N LYS D 63 9.68 28.65 -9.57
CA LYS D 63 10.09 28.76 -8.17
C LYS D 63 10.82 27.50 -7.68
N PHE D 64 10.59 26.35 -8.30
CA PHE D 64 11.26 25.11 -7.91
C PHE D 64 12.32 24.66 -8.93
N LYS D 65 12.59 25.47 -9.94
CA LYS D 65 13.69 25.19 -10.85
C LYS D 65 15.01 25.15 -10.07
N GLY D 66 15.78 24.08 -10.26
CA GLY D 66 16.96 23.84 -9.47
C GLY D 66 16.71 23.23 -8.10
N LYS D 67 15.47 23.21 -7.62
CA LYS D 67 15.15 22.54 -6.36
C LYS D 67 14.61 21.14 -6.54
N ALA D 68 13.88 20.89 -7.63
CA ALA D 68 13.23 19.61 -7.88
C ALA D 68 13.53 19.12 -9.28
N THR D 69 13.72 17.81 -9.41
CA THR D 69 13.86 17.12 -10.69
C THR D 69 12.88 15.96 -10.74
N LEU D 70 12.07 15.91 -11.79
CA LEU D 70 11.09 14.84 -11.96
C LEU D 70 11.59 13.82 -12.98
N ILE D 71 11.47 12.52 -12.64
CA ILE D 71 11.77 11.42 -13.55
C ILE D 71 10.69 10.35 -13.37
N VAL D 72 10.69 9.40 -14.32
CA VAL D 72 9.87 8.20 -14.19
C VAL D 72 10.72 6.97 -14.50
N ASP D 73 10.27 5.84 -13.95
CA ASP D 73 10.73 4.50 -14.34
C ASP D 73 9.50 3.78 -14.89
N LYS D 74 9.42 3.65 -16.22
CA LYS D 74 8.22 3.06 -16.82
C LYS D 74 8.08 1.59 -16.44
N SER D 75 9.19 0.84 -16.46
N SER D 75 9.19 0.85 -16.40
CA SER D 75 9.15 -0.57 -16.14
CA SER D 75 9.14 -0.59 -16.16
C SER D 75 8.44 -0.82 -14.81
C SER D 75 8.73 -0.96 -14.73
N SER D 76 8.73 -0.01 -13.80
CA SER D 76 8.23 -0.23 -12.45
C SER D 76 7.04 0.64 -12.12
N SER D 77 6.52 1.39 -13.10
CA SER D 77 5.37 2.28 -12.95
C SER D 77 5.55 3.21 -11.74
N THR D 78 6.74 3.81 -11.64
CA THR D 78 7.09 4.65 -10.50
C THR D 78 7.58 6.01 -10.96
N ALA D 79 6.99 7.07 -10.41
CA ALA D 79 7.51 8.42 -10.60
C ALA D 79 8.40 8.79 -9.42
N TYR D 80 9.42 9.62 -9.69
CA TYR D 80 10.35 10.05 -8.64
C TYR D 80 10.51 11.56 -8.69
N MET D 81 10.73 12.14 -7.51
CA MET D 81 11.11 13.55 -7.43
C MET D 81 12.40 13.66 -6.63
N GLU D 82 13.42 14.25 -7.22
CA GLU D 82 14.65 14.55 -6.52
C GLU D 82 14.57 15.96 -5.97
N LEU D 83 14.81 16.11 -4.67
CA LEU D 83 14.86 17.42 -4.03
C LEU D 83 16.32 17.73 -3.72
N LEU D 84 16.78 18.91 -4.16
CA LEU D 84 18.21 19.23 -4.22
C LEU D 84 18.62 20.26 -3.18
N SER D 85 19.74 20.00 -2.49
CA SER D 85 20.38 20.93 -1.58
C SER D 85 19.37 21.59 -0.64
N LEU D 86 18.85 20.77 0.27
CA LEU D 86 17.68 21.16 1.05
C LEU D 86 18.05 22.12 2.18
N THR D 87 17.11 23.03 2.47
CA THR D 87 17.17 23.92 3.61
C THR D 87 15.91 23.74 4.45
N SER D 88 15.87 24.42 5.60
CA SER D 88 14.71 24.34 6.49
C SER D 88 13.41 24.67 5.78
N GLU D 89 13.47 25.55 4.78
CA GLU D 89 12.27 25.93 4.03
C GLU D 89 11.71 24.78 3.22
N ASP D 90 12.49 23.71 3.01
CA ASP D 90 12.02 22.57 2.25
C ASP D 90 11.36 21.50 3.12
N SER D 91 11.36 21.67 4.45
CA SER D 91 10.58 20.79 5.30
C SER D 91 9.10 20.96 4.98
N ALA D 92 8.44 19.87 4.61
CA ALA D 92 7.08 19.95 4.08
C ALA D 92 6.56 18.53 3.88
N VAL D 93 5.26 18.43 3.63
CA VAL D 93 4.68 17.22 3.07
C VAL D 93 4.67 17.39 1.55
N TYR D 94 5.19 16.40 0.84
CA TYR D 94 5.16 16.43 -0.60
C TYR D 94 4.23 15.34 -1.14
N TYR D 95 3.42 15.69 -2.14
CA TYR D 95 2.45 14.80 -2.74
C TYR D 95 2.75 14.59 -4.21
N CYS D 96 2.57 13.36 -4.70
CA CYS D 96 2.39 13.12 -6.12
C CYS D 96 0.89 13.02 -6.39
N THR D 97 0.49 13.45 -7.57
CA THR D 97 -0.90 13.41 -7.97
C THR D 97 -0.97 12.96 -9.42
N ARG D 98 -2.03 12.25 -9.75
CA ARG D 98 -2.29 11.83 -11.13
C ARG D 98 -3.42 12.67 -11.71
N GLU D 99 -3.14 13.30 -12.85
CA GLU D 99 -4.10 14.12 -13.57
C GLU D 99 -5.32 13.31 -14.01
N ALA D 100 -6.36 14.06 -14.38
CA ALA D 100 -7.52 13.52 -15.09
C ALA D 100 -7.31 13.87 -16.56
N LYS D 101 -6.76 12.92 -17.31
CA LYS D 101 -6.44 13.13 -18.72
C LYS D 101 -7.64 13.67 -19.49
N ARG D 102 -8.77 12.96 -19.43
CA ARG D 102 -10.00 13.38 -20.05
C ARG D 102 -10.97 13.91 -19.01
N GLU D 103 -12.03 14.56 -19.48
CA GLU D 103 -13.00 15.16 -18.56
C GLU D 103 -13.71 14.11 -17.73
N TRP D 104 -13.83 12.89 -18.24
CA TRP D 104 -14.51 11.83 -17.52
C TRP D 104 -13.62 11.10 -16.53
N ASP D 105 -12.33 11.46 -16.48
CA ASP D 105 -11.40 10.78 -15.58
C ASP D 105 -11.39 11.45 -14.22
N GLU D 106 -11.04 10.66 -13.21
CA GLU D 106 -10.85 11.19 -11.87
C GLU D 106 -9.38 11.57 -11.67
N THR D 107 -9.12 12.33 -10.61
CA THR D 107 -7.76 12.61 -10.19
C THR D 107 -7.47 11.84 -8.90
N TYR D 108 -6.18 11.66 -8.63
CA TYR D 108 -5.76 10.88 -7.47
C TYR D 108 -4.55 11.50 -6.81
N TRP D 109 -4.47 11.39 -5.49
CA TRP D 109 -3.37 11.91 -4.69
C TRP D 109 -2.68 10.78 -3.94
N GLY D 110 -1.35 10.82 -3.88
CA GLY D 110 -0.63 9.95 -2.97
C GLY D 110 -0.88 10.33 -1.53
N GLN D 111 -0.36 9.52 -0.61
CA GLN D 111 -0.64 9.76 0.81
C GLN D 111 0.28 10.83 1.42
N GLY D 112 1.22 11.34 0.64
CA GLY D 112 2.18 12.36 1.05
C GLY D 112 3.41 11.77 1.70
N THR D 113 4.51 12.51 1.57
CA THR D 113 5.79 12.17 2.19
C THR D 113 6.25 13.37 3.01
N LEU D 114 6.40 13.17 4.32
CA LEU D 114 6.83 14.23 5.22
C LEU D 114 8.35 14.27 5.23
N VAL D 115 8.91 15.39 4.80
CA VAL D 115 10.36 15.58 4.75
C VAL D 115 10.75 16.57 5.84
N THR D 116 11.67 16.16 6.71
CA THR D 116 12.19 17.02 7.77
C THR D 116 13.64 17.33 7.43
N VAL D 117 13.96 18.62 7.28
CA VAL D 117 15.34 19.03 6.99
C VAL D 117 15.95 19.52 8.28
N SER D 118 16.92 18.76 8.81
CA SER D 118 17.50 19.10 10.10
C SER D 118 18.82 18.36 10.28
N ALA D 119 19.73 18.99 11.02
CA ALA D 119 20.98 18.35 11.40
C ALA D 119 20.87 17.55 12.69
N ALA D 120 19.74 17.68 13.42
CA ALA D 120 19.56 16.99 14.68
C ALA D 120 19.57 15.48 14.48
N LYS D 121 20.05 14.78 15.51
CA LYS D 121 20.07 13.32 15.45
C LYS D 121 18.66 12.76 15.64
N THR D 122 18.50 11.51 15.23
CA THR D 122 17.24 10.81 15.41
C THR D 122 17.11 10.33 16.86
N THR D 123 16.00 10.68 17.50
CA THR D 123 15.73 10.24 18.86
C THR D 123 14.50 9.36 18.88
N PRO D 124 14.60 8.10 19.31
CA PRO D 124 13.41 7.27 19.39
C PRO D 124 12.56 7.68 20.57
N PRO D 125 11.25 7.40 20.53
CA PRO D 125 10.38 7.76 21.64
C PRO D 125 10.43 6.74 22.76
N SER D 126 10.04 7.18 23.95
CA SER D 126 9.65 6.32 25.05
C SER D 126 8.13 6.20 25.03
N VAL D 127 7.61 4.98 25.18
CA VAL D 127 6.18 4.70 25.13
C VAL D 127 5.72 4.25 26.50
N TYR D 128 4.87 5.02 27.11
CA TYR D 128 4.42 4.70 28.46
C TYR D 128 2.92 4.38 28.49
N PRO D 129 2.53 3.38 29.28
CA PRO D 129 1.11 3.07 29.42
C PRO D 129 0.40 4.12 30.26
N LEU D 130 -0.86 4.38 29.92
CA LEU D 130 -1.74 5.25 30.70
C LEU D 130 -2.95 4.41 31.13
N ALA D 131 -3.03 4.09 32.41
CA ALA D 131 -4.06 3.17 32.88
C ALA D 131 -4.84 3.76 34.04
N PRO D 132 -6.13 3.46 34.12
CA PRO D 132 -6.90 3.76 35.33
C PRO D 132 -7.02 2.52 36.19
N GLY D 133 -7.58 2.66 37.39
CA GLY D 133 -7.95 1.50 38.17
C GLY D 133 -9.05 0.69 37.51
N SER D 134 -9.10 -0.58 37.86
CA SER D 134 -10.13 -1.49 37.36
C SER D 134 -10.91 -2.17 38.48
N ALA D 135 -10.62 -1.86 39.74
CA ALA D 135 -11.24 -2.56 40.86
C ALA D 135 -12.68 -2.11 41.06
N ALA D 136 -13.54 -3.05 41.43
CA ALA D 136 -14.96 -2.79 41.69
C ALA D 136 -15.61 -2.08 40.51
N GLN D 137 -15.32 -2.59 39.31
CA GLN D 137 -15.84 -1.95 38.11
C GLN D 137 -17.35 -2.12 38.02
N THR D 138 -18.04 -1.02 37.76
CA THR D 138 -19.47 -1.04 37.44
C THR D 138 -19.62 -0.65 35.97
N ASN D 139 -20.70 -1.14 35.36
CA ASN D 139 -20.90 -1.06 33.92
C ASN D 139 -20.74 0.37 33.41
N SER D 140 -19.72 0.57 32.56
N SER D 140 -19.76 0.56 32.53
CA SER D 140 -19.36 1.89 32.06
CA SER D 140 -19.49 1.86 31.93
C SER D 140 -18.26 1.72 31.02
C SER D 140 -18.40 1.66 30.88
N MET D 141 -17.91 2.83 30.37
N MET D 141 -17.95 2.77 30.29
CA MET D 141 -16.80 2.86 29.43
CA MET D 141 -16.80 2.76 29.41
C MET D 141 -15.51 3.19 30.16
C MET D 141 -15.54 3.08 30.21
N VAL D 142 -14.41 2.61 29.70
CA VAL D 142 -13.10 2.86 30.30
C VAL D 142 -12.20 3.52 29.26
N THR D 143 -11.43 4.51 29.67
CA THR D 143 -10.51 5.22 28.77
C THR D 143 -9.07 4.90 29.17
N LEU D 144 -8.31 4.37 28.22
CA LEU D 144 -6.90 4.03 28.36
C LEU D 144 -6.07 4.92 27.45
N GLY D 145 -4.76 4.92 27.64
CA GLY D 145 -3.92 5.75 26.80
C GLY D 145 -2.50 5.25 26.66
N CYS D 146 -1.78 5.90 25.73
CA CYS D 146 -0.33 5.70 25.61
C CYS D 146 0.31 7.06 25.41
N LEU D 147 1.40 7.30 26.15
CA LEU D 147 2.18 8.52 26.09
C LEU D 147 3.45 8.22 25.30
N VAL D 148 3.65 8.97 24.22
CA VAL D 148 4.76 8.73 23.30
C VAL D 148 5.66 9.96 23.41
N LYS D 149 6.79 9.82 24.12
CA LYS D 149 7.54 10.96 24.59
C LYS D 149 8.96 11.02 24.05
N GLY D 150 9.37 12.21 23.66
CA GLY D 150 10.75 12.54 23.31
C GLY D 150 11.29 11.92 22.04
N TYR D 151 10.62 12.13 20.89
CA TYR D 151 11.12 11.56 19.65
C TYR D 151 11.40 12.67 18.64
N PHE D 152 12.25 12.32 17.66
CA PHE D 152 12.58 13.21 16.55
C PHE D 152 13.11 12.36 15.41
N PRO D 153 12.72 12.64 14.15
CA PRO D 153 11.76 13.64 13.71
C PRO D 153 10.34 13.11 13.76
N GLU D 154 9.37 13.92 13.34
CA GLU D 154 8.05 13.39 13.05
C GLU D 154 8.14 12.53 11.79
N PRO D 155 7.22 11.56 11.63
CA PRO D 155 6.07 11.21 12.45
C PRO D 155 6.24 9.94 13.28
N VAL D 156 5.29 9.69 14.18
CA VAL D 156 5.03 8.36 14.68
C VAL D 156 3.64 7.95 14.20
N THR D 157 3.38 6.64 14.20
N THR D 157 3.42 6.65 14.14
CA THR D 157 2.07 6.11 13.87
CA THR D 157 2.09 6.11 13.90
C THR D 157 1.61 5.22 15.02
C THR D 157 1.68 5.32 15.13
N VAL D 158 0.48 5.58 15.64
CA VAL D 158 -0.07 4.87 16.78
C VAL D 158 -1.28 4.08 16.31
N THR D 159 -1.32 2.81 16.69
CA THR D 159 -2.50 1.99 16.51
C THR D 159 -2.78 1.30 17.83
N TRP D 160 -3.97 0.70 17.93
CA TRP D 160 -4.38 -0.06 19.08
C TRP D 160 -4.75 -1.47 18.62
N ASN D 161 -4.23 -2.48 19.33
CA ASN D 161 -4.40 -3.88 18.96
C ASN D 161 -4.14 -4.09 17.47
N SER D 162 -3.03 -3.54 17.01
CA SER D 162 -2.55 -3.74 15.64
C SER D 162 -3.55 -3.19 14.62
N GLY D 163 -4.34 -2.20 15.00
CA GLY D 163 -5.32 -1.62 14.11
C GLY D 163 -6.71 -2.25 14.16
N SER D 164 -6.90 -3.33 14.92
CA SER D 164 -8.24 -3.91 15.01
C SER D 164 -9.13 -3.13 15.96
N LEU D 165 -8.54 -2.31 16.81
CA LEU D 165 -9.27 -1.41 17.71
C LEU D 165 -9.09 -0.01 17.11
N SER D 166 -10.10 0.46 16.39
CA SER D 166 -9.98 1.72 15.68
C SER D 166 -11.05 2.74 16.05
N SER D 167 -12.20 2.31 16.57
CA SER D 167 -13.23 3.20 17.08
C SER D 167 -12.86 3.77 18.45
N GLY D 168 -13.38 4.95 18.75
CA GLY D 168 -13.17 5.52 20.08
C GLY D 168 -11.74 5.91 20.39
N VAL D 169 -10.94 6.18 19.37
CA VAL D 169 -9.53 6.55 19.51
C VAL D 169 -9.39 8.06 19.28
N HIS D 170 -8.56 8.70 20.10
CA HIS D 170 -8.13 10.09 19.85
C HIS D 170 -6.61 10.10 19.91
N THR D 171 -5.96 10.35 18.78
CA THR D 171 -4.52 10.49 18.77
C THR D 171 -4.20 11.96 18.59
N PHE D 172 -3.54 12.57 19.59
CA PHE D 172 -3.39 14.01 19.62
C PHE D 172 -2.17 14.45 18.82
N PRO D 173 -2.25 15.62 18.19
CA PRO D 173 -1.09 16.13 17.46
C PRO D 173 0.11 16.30 18.36
N ALA D 174 1.29 15.97 17.84
CA ALA D 174 2.53 16.15 18.58
C ALA D 174 2.79 17.62 18.84
N VAL D 175 3.41 17.89 20.00
CA VAL D 175 3.93 19.22 20.31
C VAL D 175 5.39 19.09 20.70
N LEU D 176 6.08 20.22 20.65
CA LEU D 176 7.46 20.30 21.09
C LEU D 176 7.51 20.33 22.61
N GLN D 177 8.42 19.52 23.16
CA GLN D 177 8.75 19.50 24.58
C GLN D 177 10.28 19.44 24.53
N SER D 178 10.91 20.62 24.59
CA SER D 178 12.32 20.88 24.33
C SER D 178 12.61 20.95 22.83
N ASP D 179 13.56 20.16 22.35
CA ASP D 179 13.77 20.03 20.92
C ASP D 179 13.10 18.79 20.36
N LEU D 180 12.29 18.11 21.16
CA LEU D 180 11.73 16.81 20.81
C LEU D 180 10.21 16.85 20.82
N TYR D 181 9.61 15.89 20.12
CA TYR D 181 8.16 15.83 20.02
C TYR D 181 7.58 14.85 21.06
N THR D 182 6.35 15.16 21.49
N THR D 182 6.35 15.14 21.48
CA THR D 182 5.59 14.28 22.36
CA THR D 182 5.60 14.26 22.37
C THR D 182 4.14 14.26 21.89
C THR D 182 4.14 14.27 21.98
N LEU D 183 3.52 13.09 21.95
CA LEU D 183 2.07 13.02 21.77
C LEU D 183 1.52 11.92 22.65
N SER D 184 0.20 11.88 22.70
N SER D 184 0.20 11.90 22.75
CA SER D 184 -0.54 10.84 23.41
CA SER D 184 -0.53 10.83 23.43
C SER D 184 -1.64 10.32 22.49
C SER D 184 -1.67 10.35 22.55
N SER D 185 -2.13 9.13 22.82
CA SER D 185 -3.30 8.56 22.15
C SER D 185 -4.21 8.01 23.23
N SER D 186 -5.52 8.21 23.08
CA SER D 186 -6.48 7.64 24.01
C SER D 186 -7.39 6.68 23.25
N VAL D 187 -7.82 5.63 23.94
CA VAL D 187 -8.84 4.73 23.42
C VAL D 187 -9.86 4.45 24.52
N THR D 188 -11.12 4.42 24.13
CA THR D 188 -12.24 4.23 25.05
C THR D 188 -12.99 2.96 24.64
N VAL D 189 -13.10 2.02 25.57
CA VAL D 189 -13.66 0.69 25.29
C VAL D 189 -14.65 0.36 26.40
N PRO D 190 -15.56 -0.59 26.16
CA PRO D 190 -16.45 -1.03 27.23
C PRO D 190 -15.65 -1.70 28.35
N SER D 191 -16.11 -1.50 29.59
CA SER D 191 -15.45 -2.14 30.72
C SER D 191 -15.50 -3.66 30.63
N SER D 192 -16.46 -4.23 29.90
CA SER D 192 -16.49 -5.67 29.73
C SER D 192 -15.30 -6.18 28.93
N THR D 193 -14.60 -5.32 28.19
CA THR D 193 -13.50 -5.78 27.36
C THR D 193 -12.12 -5.55 27.98
N TRP D 194 -12.00 -4.70 29.00
CA TRP D 194 -10.71 -4.46 29.63
C TRP D 194 -10.91 -4.30 31.13
N PRO D 195 -10.06 -4.91 31.96
CA PRO D 195 -8.85 -5.68 31.61
C PRO D 195 -9.07 -7.15 31.23
N SER D 196 -10.31 -7.58 31.00
CA SER D 196 -10.54 -8.99 30.69
C SER D 196 -9.81 -9.40 29.43
N GLU D 197 -9.77 -8.52 28.43
CA GLU D 197 -9.05 -8.77 27.19
C GLU D 197 -7.96 -7.71 27.05
N THR D 198 -6.90 -8.07 26.34
CA THR D 198 -5.73 -7.21 26.30
C THR D 198 -5.96 -6.01 25.40
N VAL D 199 -5.41 -4.87 25.81
CA VAL D 199 -5.40 -3.65 25.02
C VAL D 199 -3.96 -3.18 24.94
N THR D 200 -3.46 -3.04 23.71
CA THR D 200 -2.05 -2.78 23.47
C THR D 200 -1.96 -1.62 22.48
N CYS D 201 -1.14 -0.63 22.79
CA CYS D 201 -0.84 0.38 21.79
C CYS D 201 0.45 0.00 21.05
N ASN D 202 0.45 0.26 19.75
CA ASN D 202 1.59 -0.03 18.89
C ASN D 202 2.09 1.30 18.35
N VAL D 203 3.36 1.61 18.58
CA VAL D 203 3.94 2.90 18.23
C VAL D 203 5.10 2.65 17.27
N ALA D 204 4.94 3.06 16.03
CA ALA D 204 6.00 3.00 15.03
C ALA D 204 6.64 4.37 14.87
N HIS D 205 7.96 4.39 14.80
CA HIS D 205 8.73 5.61 14.54
C HIS D 205 9.70 5.28 13.42
N PRO D 206 9.32 5.53 12.16
CA PRO D 206 10.13 5.04 11.03
C PRO D 206 11.56 5.55 11.02
N ALA D 207 11.80 6.79 11.45
CA ALA D 207 13.15 7.33 11.39
C ALA D 207 14.13 6.49 12.20
N SER D 208 13.75 6.11 13.42
CA SER D 208 14.64 5.30 14.24
C SER D 208 14.42 3.80 14.05
N SER D 209 13.65 3.40 13.04
CA SER D 209 13.36 2.00 12.75
C SER D 209 12.83 1.25 13.97
N THR D 210 12.07 1.93 14.82
CA THR D 210 11.53 1.32 16.02
C THR D 210 10.04 1.07 15.90
N LYS D 211 9.60 0.03 16.59
CA LYS D 211 8.19 -0.34 16.64
C LYS D 211 7.99 -0.99 18.01
N VAL D 212 7.25 -0.33 18.87
CA VAL D 212 7.12 -0.69 20.28
C VAL D 212 5.67 -1.00 20.57
N ASP D 213 5.43 -2.06 21.33
CA ASP D 213 4.10 -2.40 21.80
C ASP D 213 4.06 -2.17 23.30
N LYS D 214 2.95 -1.63 23.78
CA LYS D 214 2.74 -1.47 25.23
C LYS D 214 1.37 -1.96 25.62
N LYS D 215 1.33 -3.08 26.34
CA LYS D 215 0.11 -3.60 26.95
C LYS D 215 -0.29 -2.71 28.11
N ILE D 216 -1.57 -2.34 28.16
CA ILE D 216 -2.11 -1.51 29.24
C ILE D 216 -2.65 -2.44 30.32
N VAL D 217 -2.04 -2.39 31.50
CA VAL D 217 -2.54 -3.21 32.63
C VAL D 217 -3.02 -2.30 33.75
N PRO D 218 -3.96 -2.74 34.58
CA PRO D 218 -4.59 -1.83 35.54
C PRO D 218 -3.61 -1.29 36.54
N ARG D 219 -3.90 -0.10 37.00
CA ARG D 219 -3.03 0.43 38.00
C ARG D 219 -3.30 -0.23 39.34
N PHE E 2 5.54 -23.34 10.14
CA PHE E 2 5.96 -22.30 11.06
C PHE E 2 6.42 -22.85 12.41
N ARG E 3 5.59 -23.70 13.03
CA ARG E 3 5.94 -24.32 14.31
C ARG E 3 5.11 -25.59 14.48
N HIS E 4 5.77 -26.74 14.62
CA HIS E 4 5.01 -27.98 14.73
C HIS E 4 4.17 -27.98 16.00
N ASP E 5 2.99 -28.60 15.91
CA ASP E 5 1.99 -28.66 16.99
C ASP E 5 1.65 -27.27 17.52
N SER E 6 1.38 -26.36 16.58
CA SER E 6 1.06 -24.98 16.95
C SER E 6 -0.35 -24.81 17.52
N GLY E 7 -1.26 -25.76 17.26
CA GLY E 7 -2.61 -25.67 17.79
C GLY E 7 -2.75 -26.29 19.17
N TYR E 8 -1.69 -26.19 19.96
CA TYR E 8 -1.58 -26.77 21.29
C TYR E 8 -2.80 -26.43 22.16
N GLU E 9 -3.17 -27.37 23.04
CA GLU E 9 -4.27 -27.17 23.96
C GLU E 9 -3.76 -26.74 25.33
N VAL E 10 -4.70 -26.41 26.23
CA VAL E 10 -4.36 -25.99 27.57
C VAL E 10 -5.15 -26.82 28.56
#